data_4CTH
#
_entry.id   4CTH
#
_cell.length_a   108.799
_cell.length_b   108.799
_cell.length_c   112.942
_cell.angle_alpha   90.00
_cell.angle_beta   90.00
_cell.angle_gamma   120.00
#
_symmetry.space_group_name_H-M   'P 32 2 1'
#
loop_
_entity.id
_entity.type
_entity.pdbx_description
1 polymer NEPRILYSIN
2 non-polymer 2-acetamido-2-deoxy-beta-D-glucopyranose
3 non-polymer 'ZINC ION'
4 non-polymer GLYCEROL
5 non-polymer N-ALPHA-L-RHAMNOPYRANOSYLOXY(HYDROXYPHOSPHINYL)-L-LEUCYL-L-TRYPTOPHAN
6 water water
#
_entity_poly.entity_id   1
_entity_poly.type   'polypeptide(L)'
_entity_poly.pdbx_seq_one_letter_code
;HHHHHHHHHHYDDGICKSSDCIKSAARLIQNMDATTEPCTDFFKYACGGWLKRNVIPETSSRYGNFDILRDELEVVLKDV
LQEPKTEDIVAVQKAKALYRSCINESAIDSRGGEPLLKLLPDIYGWPVATENWEQKYGASWTAEKAIAQLNSKYGKKVLI
NLFVGTDDKNSVNHVIHIDQPRLGLPSRDYYECTGIYKEACTAYVDFMISVARLIRQEERLPIDENQLALEMNKVMELEK
EIANATAKPEDRNDPMLLYNKMTLAQIQNNFSLEINGKPFSWLNFTNEIMSTVNISITNEEDVVVYAPEYLTKLKPILTK
YSARDLQNLMSWRFIMDLVSSLSRTYKESRNAFRKALYVTTSETATWRRCANYVNGNMENAVGRLYVEAAFAGESKHVVE
DLIAQIREVFIQTLDDLTWMDAETKKRAEEKALAIKERIGYPDDIVSNDNKLNNEYLELNYKEDEYFENIIQNLKFSQSK
QLKKLREKVDKDEWISGAAVVNAFYSSGRNQIVFPAGILQPPFFSAQQSNSLNYGGIGMVIGHEITHGFDDNGRNFNKDG
DLVDWWTQQSASNFKEQSQCMVYQYGNFSWDLAGGQHLNGINTLGENIADNGGLGQAYRAYQNYIKKNGEEKLLPGLDLN
HKQLFFLNFAQVWCGTYRPEYAVNSIKTDVHSPKNFRIIGTLQNSAEFSEAFHCRKNSYMNPEKKCRVW
;
_entity_poly.pdbx_strand_id   A
#
loop_
_chem_comp.id
_chem_comp.type
_chem_comp.name
_chem_comp.formula
GOL non-polymer GLYCEROL 'C3 H8 O3'
NAG D-saccharide, beta linking 2-acetamido-2-deoxy-beta-D-glucopyranose 'C8 H15 N O6'
RDF peptide-like N-ALPHA-L-RHAMNOPYRANOSYLOXY(HYDROXYPHOSPHINYL)-L-LEUCYL-L-TRYPTOPHAN 'C23 H34 N3 O10 P'
ZN non-polymer 'ZINC ION' 'Zn 2'
#
# COMPACT_ATOMS: atom_id res chain seq x y z
N ASP A 13 31.00 -7.19 -35.36
CA ASP A 13 29.70 -6.78 -35.90
C ASP A 13 28.89 -5.82 -34.97
N GLY A 14 29.42 -5.53 -33.79
CA GLY A 14 28.82 -4.64 -32.80
C GLY A 14 27.53 -5.15 -32.19
N ILE A 15 27.37 -6.47 -32.09
CA ILE A 15 26.17 -7.10 -31.51
C ILE A 15 26.59 -8.02 -30.38
N CYS A 16 25.93 -7.88 -29.21
CA CYS A 16 26.19 -8.70 -28.03
C CYS A 16 25.58 -10.10 -28.20
N LYS A 17 26.39 -11.15 -28.08
CA LYS A 17 25.91 -12.54 -28.21
C LYS A 17 26.05 -13.34 -26.92
N SER A 18 26.13 -12.65 -25.76
CA SER A 18 26.22 -13.31 -24.46
C SER A 18 24.88 -13.94 -24.02
N SER A 19 24.94 -14.90 -23.09
CA SER A 19 23.81 -15.59 -22.49
C SER A 19 22.78 -14.60 -21.95
N ASP A 20 23.28 -13.49 -21.34
CA ASP A 20 22.50 -12.42 -20.72
C ASP A 20 21.71 -11.60 -21.72
N CYS A 21 22.37 -11.18 -22.83
CA CYS A 21 21.81 -10.41 -23.95
C CYS A 21 20.72 -11.23 -24.64
N ILE A 22 20.99 -12.51 -24.89
CA ILE A 22 20.04 -13.42 -25.51
C ILE A 22 18.77 -13.48 -24.64
N LYS A 23 18.95 -13.64 -23.30
CA LYS A 23 17.83 -13.72 -22.34
C LYS A 23 17.00 -12.45 -22.35
N SER A 24 17.67 -11.28 -22.36
CA SER A 24 17.05 -9.97 -22.40
C SER A 24 16.23 -9.86 -23.69
N ALA A 25 16.91 -10.06 -24.86
CA ALA A 25 16.32 -9.99 -26.20
C ALA A 25 15.11 -10.87 -26.36
N ALA A 26 15.15 -12.14 -25.91
CA ALA A 26 13.96 -13.00 -26.01
C ALA A 26 12.80 -12.49 -25.18
N ARG A 27 13.10 -11.92 -24.01
CA ARG A 27 12.05 -11.38 -23.16
C ARG A 27 11.37 -10.18 -23.85
N LEU A 28 12.18 -9.24 -24.37
CA LEU A 28 11.72 -8.04 -25.10
C LEU A 28 10.90 -8.44 -26.35
N ILE A 29 11.44 -9.37 -27.17
CA ILE A 29 10.77 -9.93 -28.36
C ILE A 29 9.39 -10.56 -28.00
N GLN A 30 9.37 -11.50 -27.05
CA GLN A 30 8.14 -12.23 -26.66
C GLN A 30 7.01 -11.35 -26.22
N ASN A 31 7.34 -10.26 -25.52
CA ASN A 31 6.34 -9.36 -24.95
C ASN A 31 5.79 -8.36 -25.89
N MET A 32 6.57 -7.89 -26.84
CA MET A 32 6.12 -6.84 -27.74
C MET A 32 5.20 -7.36 -28.90
N ASP A 33 4.53 -6.43 -29.58
CA ASP A 33 3.75 -6.73 -30.77
C ASP A 33 4.32 -5.83 -31.86
N ALA A 34 5.34 -6.33 -32.59
CA ALA A 34 6.02 -5.61 -33.68
C ALA A 34 5.11 -5.25 -34.87
N THR A 35 3.90 -5.87 -34.97
CA THR A 35 2.92 -5.53 -36.03
C THR A 35 2.15 -4.24 -35.73
N THR A 36 2.36 -3.63 -34.53
CA THR A 36 1.73 -2.37 -34.15
C THR A 36 2.72 -1.25 -34.41
N GLU A 37 2.21 -0.08 -34.77
CA GLU A 37 3.06 1.08 -34.97
C GLU A 37 3.34 1.70 -33.59
N PRO A 38 4.62 1.81 -33.19
CA PRO A 38 4.95 2.44 -31.89
C PRO A 38 4.45 3.87 -31.68
N CYS A 39 4.22 4.64 -32.77
CA CYS A 39 3.75 6.03 -32.70
C CYS A 39 2.23 6.14 -32.63
N THR A 40 1.55 5.03 -32.82
CA THR A 40 0.08 4.95 -32.77
C THR A 40 -0.37 4.53 -31.35
N ASP A 41 0.22 3.44 -30.83
CA ASP A 41 -0.08 2.93 -29.49
C ASP A 41 1.17 2.20 -28.98
N PHE A 42 1.93 2.85 -28.09
CA PHE A 42 3.14 2.23 -27.58
C PHE A 42 2.85 1.13 -26.57
N PHE A 43 1.67 1.14 -25.94
CA PHE A 43 1.29 0.07 -25.01
C PHE A 43 1.15 -1.25 -25.72
N LYS A 44 0.44 -1.23 -26.88
CA LYS A 44 0.20 -2.40 -27.71
C LYS A 44 1.49 -2.83 -28.33
N TYR A 45 2.28 -1.88 -28.85
CA TYR A 45 3.58 -2.18 -29.44
C TYR A 45 4.48 -2.91 -28.44
N ALA A 46 4.69 -2.33 -27.24
CA ALA A 46 5.57 -2.90 -26.22
C ALA A 46 5.01 -4.11 -25.48
N CYS A 47 3.66 -4.19 -25.26
CA CYS A 47 3.01 -5.24 -24.46
C CYS A 47 2.04 -6.18 -25.14
N GLY A 48 1.69 -5.93 -26.40
CA GLY A 48 0.74 -6.76 -27.15
C GLY A 48 1.02 -8.24 -27.11
N GLY A 49 2.31 -8.61 -27.13
CA GLY A 49 2.75 -10.00 -27.04
C GLY A 49 2.49 -10.56 -25.65
N TRP A 50 2.72 -9.72 -24.60
CA TRP A 50 2.48 -10.08 -23.20
C TRP A 50 1.00 -10.34 -23.01
N LEU A 51 0.16 -9.49 -23.57
CA LEU A 51 -1.30 -9.57 -23.44
C LEU A 51 -1.94 -10.80 -24.07
N LYS A 52 -1.45 -11.20 -25.25
CA LYS A 52 -1.99 -12.34 -25.98
C LYS A 52 -1.71 -13.66 -25.20
N ARG A 53 -0.52 -13.78 -24.60
CA ARG A 53 -0.12 -14.96 -23.83
C ARG A 53 -0.83 -15.07 -22.47
N ASN A 54 -0.78 -13.99 -21.68
CA ASN A 54 -1.31 -13.93 -20.32
C ASN A 54 -2.80 -13.75 -20.16
N VAL A 55 -3.35 -14.43 -19.16
CA VAL A 55 -4.75 -14.37 -18.78
C VAL A 55 -4.76 -14.14 -17.26
N ILE A 56 -5.72 -13.36 -16.78
CA ILE A 56 -5.83 -13.08 -15.35
C ILE A 56 -6.25 -14.39 -14.64
N PRO A 57 -5.44 -14.85 -13.64
CA PRO A 57 -5.84 -16.05 -12.90
C PRO A 57 -7.14 -15.83 -12.13
N GLU A 58 -7.79 -16.92 -11.73
CA GLU A 58 -9.06 -16.90 -11.01
C GLU A 58 -8.95 -16.38 -9.59
N THR A 59 -7.71 -16.22 -9.10
CA THR A 59 -7.37 -15.76 -7.75
C THR A 59 -7.24 -14.23 -7.72
N SER A 60 -7.09 -13.61 -8.91
CA SER A 60 -6.79 -12.18 -9.08
C SER A 60 -7.89 -11.42 -9.78
N SER A 61 -7.91 -10.10 -9.53
CA SER A 61 -8.75 -9.06 -10.13
C SER A 61 -7.98 -8.39 -11.29
N ARG A 62 -6.66 -8.52 -11.25
CA ARG A 62 -5.76 -7.93 -12.24
C ARG A 62 -4.48 -8.74 -12.32
N TYR A 63 -3.71 -8.54 -13.37
CA TYR A 63 -2.45 -9.26 -13.53
C TYR A 63 -1.51 -8.46 -14.38
N GLY A 64 -0.26 -8.41 -13.96
CA GLY A 64 0.82 -7.69 -14.60
C GLY A 64 2.16 -8.24 -14.19
N ASN A 65 3.22 -7.57 -14.61
CA ASN A 65 4.59 -7.94 -14.31
C ASN A 65 4.89 -7.98 -12.77
N PHE A 66 4.21 -7.12 -11.95
CA PHE A 66 4.30 -7.10 -10.49
C PHE A 66 3.94 -8.47 -9.98
N ASP A 67 2.77 -8.97 -10.42
CA ASP A 67 2.21 -10.26 -10.02
C ASP A 67 3.11 -11.41 -10.42
N ILE A 68 3.76 -11.31 -11.58
CA ILE A 68 4.67 -12.37 -12.00
C ILE A 68 5.86 -12.46 -11.03
N LEU A 69 6.56 -11.32 -10.81
CA LEU A 69 7.72 -11.28 -9.90
C LEU A 69 7.32 -11.68 -8.46
N ARG A 70 6.14 -11.25 -8.03
CA ARG A 70 5.60 -11.59 -6.69
C ARG A 70 5.35 -13.07 -6.59
N ASP A 71 4.72 -13.68 -7.61
CA ASP A 71 4.48 -15.11 -7.57
C ASP A 71 5.77 -15.88 -7.44
N GLU A 72 6.79 -15.50 -8.22
CA GLU A 72 8.14 -16.10 -8.24
C GLU A 72 8.85 -15.87 -6.89
N LEU A 73 8.65 -14.69 -6.25
CA LEU A 73 9.24 -14.36 -4.93
C LEU A 73 8.71 -15.34 -3.88
N GLU A 74 7.39 -15.60 -3.93
CA GLU A 74 6.71 -16.53 -3.05
C GLU A 74 7.29 -17.95 -3.16
N VAL A 75 7.72 -18.38 -4.37
CA VAL A 75 8.33 -19.71 -4.59
C VAL A 75 9.66 -19.74 -3.79
N VAL A 76 10.45 -18.66 -3.84
CA VAL A 76 11.70 -18.51 -3.06
C VAL A 76 11.41 -18.62 -1.55
N LEU A 77 10.35 -17.95 -1.07
CA LEU A 77 9.93 -17.92 0.32
C LEU A 77 9.53 -19.29 0.78
N LYS A 78 8.82 -20.04 -0.07
CA LYS A 78 8.41 -21.40 0.23
C LYS A 78 9.65 -22.25 0.44
N ASP A 79 10.60 -22.16 -0.49
CA ASP A 79 11.84 -22.92 -0.45
C ASP A 79 12.63 -22.66 0.81
N VAL A 80 12.79 -21.37 1.21
CA VAL A 80 13.54 -20.98 2.41
C VAL A 80 12.82 -21.22 3.71
N LEU A 81 11.48 -21.27 3.69
CA LEU A 81 10.69 -21.43 4.90
C LEU A 81 10.34 -22.85 5.25
N GLN A 82 10.15 -23.70 4.24
CA GLN A 82 9.68 -25.07 4.41
C GLN A 82 10.61 -26.08 5.08
N GLU A 83 11.92 -25.92 4.90
CA GLU A 83 12.91 -26.86 5.40
C GLU A 83 13.65 -26.37 6.65
N PRO A 84 13.44 -26.98 7.85
CA PRO A 84 14.23 -26.57 9.03
C PRO A 84 15.69 -26.92 8.80
N LYS A 85 16.61 -26.04 9.21
CA LYS A 85 18.05 -26.29 9.02
C LYS A 85 18.82 -26.22 10.34
N THR A 86 19.87 -27.05 10.46
CA THR A 86 20.69 -27.18 11.66
C THR A 86 21.22 -25.84 12.20
N GLU A 87 21.93 -25.07 11.35
CA GLU A 87 22.50 -23.77 11.67
C GLU A 87 21.47 -22.59 11.83
N ASP A 88 20.13 -22.89 11.89
CA ASP A 88 19.10 -21.84 12.02
C ASP A 88 19.13 -21.18 13.39
N ILE A 89 19.21 -19.83 13.41
CA ILE A 89 19.12 -19.02 14.64
C ILE A 89 17.67 -19.03 15.07
N VAL A 90 17.39 -18.63 16.33
CA VAL A 90 16.03 -18.65 16.88
C VAL A 90 14.98 -17.82 16.09
N ALA A 91 15.37 -16.62 15.58
CA ALA A 91 14.52 -15.75 14.76
C ALA A 91 14.03 -16.56 13.52
N VAL A 92 14.94 -17.26 12.83
CA VAL A 92 14.66 -18.13 11.65
C VAL A 92 13.77 -19.32 12.06
N GLN A 93 14.10 -20.01 13.18
CA GLN A 93 13.27 -21.11 13.71
C GLN A 93 11.83 -20.64 13.96
N LYS A 94 11.67 -19.39 14.45
CA LYS A 94 10.32 -18.84 14.72
C LYS A 94 9.49 -18.59 13.41
N ALA A 95 10.14 -18.07 12.36
CA ALA A 95 9.46 -17.82 11.07
C ALA A 95 8.98 -19.14 10.46
N LYS A 96 9.82 -20.18 10.54
CA LYS A 96 9.52 -21.51 10.00
C LYS A 96 8.39 -22.18 10.76
N ALA A 97 8.42 -22.04 12.10
CA ALA A 97 7.39 -22.57 13.00
C ALA A 97 6.05 -21.93 12.72
N LEU A 98 6.04 -20.58 12.54
CA LEU A 98 4.88 -19.74 12.22
C LEU A 98 4.35 -20.20 10.83
N TYR A 99 5.28 -20.45 9.89
CA TYR A 99 4.91 -20.94 8.56
C TYR A 99 4.19 -22.32 8.67
N ARG A 100 4.79 -23.25 9.42
CA ARG A 100 4.22 -24.59 9.66
C ARG A 100 2.82 -24.54 10.30
N SER A 101 2.55 -23.58 11.22
CA SER A 101 1.24 -23.47 11.88
C SER A 101 0.17 -22.99 10.90
N CYS A 102 0.60 -22.19 9.94
CA CYS A 102 -0.24 -21.60 8.92
C CYS A 102 -0.64 -22.64 7.84
N ILE A 103 0.30 -23.46 7.38
CA ILE A 103 0.02 -24.44 6.34
C ILE A 103 -0.68 -25.71 6.85
N ASN A 104 -0.89 -25.88 8.18
CA ASN A 104 -1.57 -27.08 8.69
C ASN A 104 -3.08 -26.91 8.78
N GLU A 105 -3.74 -27.14 7.66
CA GLU A 105 -5.20 -27.01 7.55
C GLU A 105 -5.93 -28.02 8.43
N SER A 106 -5.36 -29.24 8.62
CA SER A 106 -5.98 -30.27 9.44
C SER A 106 -6.06 -29.80 10.87
N ALA A 107 -4.94 -29.27 11.41
CA ALA A 107 -4.91 -28.71 12.76
C ALA A 107 -5.90 -27.55 12.84
N ILE A 108 -5.93 -26.65 11.82
CA ILE A 108 -6.86 -25.52 11.76
C ILE A 108 -8.32 -25.99 11.70
N ASP A 109 -8.67 -26.85 10.73
CA ASP A 109 -10.03 -27.39 10.54
C ASP A 109 -10.62 -28.07 11.79
N SER A 110 -9.76 -28.73 12.62
CA SER A 110 -10.14 -29.44 13.87
C SER A 110 -10.74 -28.54 14.93
N ARG A 111 -10.15 -27.35 15.10
CA ARG A 111 -10.57 -26.40 16.12
C ARG A 111 -11.91 -25.70 15.78
N GLY A 112 -12.43 -25.92 14.58
CA GLY A 112 -13.66 -25.26 14.15
C GLY A 112 -13.54 -23.75 14.33
N GLY A 113 -14.54 -23.16 14.98
CA GLY A 113 -14.58 -21.74 15.30
C GLY A 113 -14.28 -21.44 16.76
N GLU A 114 -13.92 -22.49 17.54
CA GLU A 114 -13.59 -22.41 18.98
C GLU A 114 -12.63 -21.25 19.32
N PRO A 115 -11.49 -21.03 18.59
CA PRO A 115 -10.60 -19.91 18.96
C PRO A 115 -11.22 -18.52 18.87
N LEU A 116 -12.26 -18.35 18.02
CA LEU A 116 -13.00 -17.09 17.92
C LEU A 116 -13.91 -16.94 19.14
N LEU A 117 -14.65 -18.03 19.48
CA LEU A 117 -15.58 -18.09 20.62
C LEU A 117 -14.86 -17.77 21.94
N LYS A 118 -13.59 -18.20 22.10
CA LYS A 118 -12.81 -17.92 23.32
C LYS A 118 -12.41 -16.44 23.37
N LEU A 119 -11.98 -15.88 22.21
CA LEU A 119 -11.58 -14.49 22.06
C LEU A 119 -12.77 -13.53 22.25
N LEU A 120 -13.96 -13.89 21.76
CA LEU A 120 -15.13 -13.02 21.83
C LEU A 120 -15.41 -12.26 23.16
N PRO A 121 -15.48 -12.89 24.36
CA PRO A 121 -15.74 -12.11 25.60
C PRO A 121 -14.76 -10.95 25.87
N ASP A 122 -13.49 -11.12 25.46
CA ASP A 122 -12.44 -10.11 25.64
C ASP A 122 -12.70 -8.84 24.80
N ILE A 123 -13.54 -8.92 23.76
CA ILE A 123 -13.87 -7.74 22.95
C ILE A 123 -15.33 -7.30 23.14
N TYR A 124 -15.94 -7.67 24.30
CA TYR A 124 -17.32 -7.40 24.71
C TYR A 124 -18.35 -8.14 23.82
N GLY A 125 -17.95 -9.32 23.34
CA GLY A 125 -18.73 -10.22 22.48
C GLY A 125 -19.29 -9.65 21.20
N TRP A 126 -20.21 -10.38 20.57
CA TRP A 126 -20.91 -9.96 19.35
C TRP A 126 -22.40 -10.07 19.62
N PRO A 127 -23.09 -8.92 19.87
CA PRO A 127 -24.52 -8.97 20.27
C PRO A 127 -25.42 -9.95 19.51
N VAL A 128 -25.35 -9.94 18.16
CA VAL A 128 -26.16 -10.81 17.31
C VAL A 128 -25.95 -12.31 17.56
N ALA A 129 -24.76 -12.70 18.02
CA ALA A 129 -24.40 -14.09 18.26
C ALA A 129 -24.34 -14.43 19.76
N THR A 130 -24.73 -13.45 20.61
CA THR A 130 -24.77 -13.54 22.07
C THR A 130 -26.23 -13.53 22.54
N GLU A 131 -26.54 -14.36 23.54
CA GLU A 131 -27.84 -14.44 24.20
C GLU A 131 -27.78 -13.51 25.42
N ASN A 132 -28.81 -12.66 25.61
CA ASN A 132 -28.89 -11.67 26.71
C ASN A 132 -27.58 -10.84 26.78
N TRP A 133 -27.26 -10.10 25.71
CA TRP A 133 -26.03 -9.30 25.62
C TRP A 133 -26.03 -8.14 26.61
N GLU A 134 -27.19 -7.48 26.78
CA GLU A 134 -27.43 -6.35 27.68
C GLU A 134 -27.12 -6.71 29.14
N GLN A 135 -27.58 -7.88 29.59
CA GLN A 135 -27.36 -8.38 30.95
C GLN A 135 -25.93 -8.85 31.14
N LYS A 136 -25.35 -9.57 30.14
CA LYS A 136 -23.98 -10.11 30.18
C LYS A 136 -22.87 -9.08 29.96
N TYR A 137 -23.06 -8.13 29.03
CA TYR A 137 -22.04 -7.13 28.66
C TYR A 137 -22.45 -5.68 28.84
N GLY A 138 -23.64 -5.32 28.35
CA GLY A 138 -24.21 -3.96 28.37
C GLY A 138 -24.23 -3.23 29.71
N ALA A 139 -23.71 -3.87 30.79
CA ALA A 139 -23.64 -3.33 32.15
C ALA A 139 -22.30 -2.61 32.38
N SER A 140 -21.18 -3.25 31.97
CA SER A 140 -19.79 -2.75 32.09
C SER A 140 -19.28 -2.17 30.76
N TRP A 141 -20.15 -2.15 29.73
CA TRP A 141 -19.84 -1.66 28.39
C TRP A 141 -19.86 -0.15 28.32
N THR A 142 -18.78 0.45 27.76
CA THR A 142 -18.64 1.86 27.42
C THR A 142 -17.96 1.94 26.04
N ALA A 143 -18.35 2.94 25.21
CA ALA A 143 -17.74 3.17 23.90
C ALA A 143 -16.23 3.33 24.09
N GLU A 144 -15.85 4.07 25.13
CA GLU A 144 -14.47 4.34 25.49
C GLU A 144 -13.68 3.04 25.69
N LYS A 145 -14.27 2.06 26.42
CA LYS A 145 -13.61 0.78 26.70
C LYS A 145 -13.61 -0.19 25.51
N ALA A 146 -14.76 -0.29 24.81
CA ALA A 146 -14.98 -1.17 23.65
C ALA A 146 -14.03 -0.84 22.49
N ILE A 147 -14.04 0.43 22.03
CA ILE A 147 -13.17 0.93 20.96
C ILE A 147 -11.72 0.78 21.39
N ALA A 148 -11.41 1.09 22.65
CA ALA A 148 -10.04 1.01 23.19
C ALA A 148 -9.47 -0.38 23.27
N GLN A 149 -10.30 -1.37 23.60
CA GLN A 149 -9.87 -2.76 23.69
C GLN A 149 -9.51 -3.29 22.30
N LEU A 150 -10.39 -3.04 21.29
CA LEU A 150 -10.19 -3.44 19.89
C LEU A 150 -8.94 -2.79 19.33
N ASN A 151 -8.71 -1.50 19.67
CA ASN A 151 -7.51 -0.77 19.25
C ASN A 151 -6.22 -1.28 19.92
N SER A 152 -6.11 -1.20 21.27
CA SER A 152 -4.88 -1.54 22.00
C SER A 152 -4.46 -3.00 21.99
N LYS A 153 -5.45 -3.92 22.09
CA LYS A 153 -5.16 -5.35 22.15
C LYS A 153 -4.97 -5.97 20.77
N TYR A 154 -5.85 -5.62 19.81
CA TYR A 154 -5.83 -6.25 18.49
C TYR A 154 -5.46 -5.35 17.29
N GLY A 155 -5.27 -4.05 17.53
CA GLY A 155 -4.88 -3.11 16.49
C GLY A 155 -5.97 -2.79 15.50
N LYS A 156 -7.22 -3.05 15.89
CA LYS A 156 -8.38 -2.84 15.06
C LYS A 156 -9.02 -1.49 15.40
N LYS A 157 -9.14 -0.60 14.38
CA LYS A 157 -9.62 0.77 14.53
C LYS A 157 -11.00 0.99 13.93
N VAL A 158 -12.01 1.06 14.82
CA VAL A 158 -13.43 1.25 14.48
C VAL A 158 -14.01 2.53 15.09
N LEU A 159 -14.97 3.18 14.37
CA LEU A 159 -15.66 4.43 14.77
C LEU A 159 -14.68 5.60 14.77
N ILE A 160 -13.62 5.51 15.59
CA ILE A 160 -12.55 6.50 15.76
C ILE A 160 -11.20 5.81 15.60
N ASN A 161 -10.38 6.30 14.67
CA ASN A 161 -9.05 5.77 14.43
C ASN A 161 -7.99 6.54 15.22
N LEU A 162 -7.61 5.99 16.40
CA LEU A 162 -6.55 6.56 17.24
C LEU A 162 -5.31 5.75 17.03
N PHE A 163 -4.26 6.43 16.60
CA PHE A 163 -2.97 5.83 16.35
C PHE A 163 -1.84 6.73 16.77
N VAL A 164 -0.65 6.14 16.99
CA VAL A 164 0.57 6.82 17.33
C VAL A 164 1.42 6.83 16.07
N GLY A 165 1.86 8.02 15.68
CA GLY A 165 2.68 8.13 14.49
C GLY A 165 3.56 9.35 14.54
N THR A 166 4.43 9.48 13.55
CA THR A 166 5.33 10.62 13.43
C THR A 166 4.52 11.92 13.28
N ASP A 167 4.98 12.96 13.99
CA ASP A 167 4.40 14.29 13.92
C ASP A 167 4.86 14.88 12.60
N ASP A 168 3.90 15.19 11.69
CA ASP A 168 4.23 15.78 10.39
C ASP A 168 5.07 17.06 10.51
N LYS A 169 4.88 17.81 11.60
CA LYS A 169 5.61 19.07 11.79
C LYS A 169 6.88 19.01 12.66
N ASN A 170 7.24 17.79 13.14
CA ASN A 170 8.46 17.49 13.90
C ASN A 170 8.74 16.00 13.74
N SER A 171 9.47 15.67 12.68
CA SER A 171 9.79 14.31 12.24
C SER A 171 10.67 13.45 13.18
N VAL A 172 11.08 13.99 14.36
CA VAL A 172 11.92 13.23 15.29
C VAL A 172 11.09 12.62 16.37
N ASN A 173 9.88 13.13 16.53
CA ASN A 173 8.93 12.72 17.55
C ASN A 173 7.71 12.04 16.97
N HIS A 174 7.02 11.34 17.89
CA HIS A 174 5.77 10.63 17.67
C HIS A 174 4.73 11.40 18.40
N VAL A 175 3.53 11.33 17.90
CA VAL A 175 2.43 12.01 18.53
C VAL A 175 1.17 11.17 18.30
N ILE A 176 0.18 11.32 19.20
CA ILE A 176 -1.10 10.69 19.05
C ILE A 176 -1.79 11.38 17.89
N HIS A 177 -2.52 10.60 17.06
CA HIS A 177 -3.28 11.06 15.91
C HIS A 177 -4.71 10.56 16.01
N ILE A 178 -5.64 11.34 15.46
CA ILE A 178 -7.04 10.93 15.38
C ILE A 178 -7.44 11.10 13.92
N ASP A 179 -8.02 10.03 13.32
CA ASP A 179 -8.46 10.10 11.93
C ASP A 179 -9.78 9.37 11.75
N GLN A 180 -10.40 9.47 10.55
CA GLN A 180 -11.63 8.71 10.21
C GLN A 180 -11.24 7.22 10.08
N PRO A 181 -12.11 6.25 10.44
CA PRO A 181 -11.70 4.84 10.34
C PRO A 181 -11.86 4.28 8.93
N ARG A 182 -11.25 3.11 8.70
CA ARG A 182 -11.40 2.37 7.45
C ARG A 182 -12.80 1.76 7.50
N LEU A 183 -13.40 1.51 6.33
CA LEU A 183 -14.73 0.90 6.26
C LEU A 183 -14.58 -0.56 5.90
N GLY A 184 -15.63 -1.34 6.13
CA GLY A 184 -15.68 -2.77 5.83
C GLY A 184 -15.59 -3.04 4.34
N LEU A 185 -16.27 -2.21 3.53
CA LEU A 185 -16.20 -2.34 2.07
C LEU A 185 -14.99 -1.54 1.50
N PRO A 186 -14.52 -1.81 0.25
CA PRO A 186 -13.28 -1.15 -0.26
C PRO A 186 -13.18 0.38 -0.19
N SER A 187 -14.29 1.11 -0.37
CA SER A 187 -14.29 2.58 -0.29
C SER A 187 -15.67 3.08 0.07
N ARG A 188 -15.78 4.38 0.38
CA ARG A 188 -17.01 5.06 0.76
C ARG A 188 -18.05 5.07 -0.36
N ASP A 189 -17.61 4.89 -1.62
CA ASP A 189 -18.48 4.88 -2.79
C ASP A 189 -19.38 3.67 -2.80
N TYR A 190 -18.93 2.53 -2.24
CA TYR A 190 -19.71 1.28 -2.16
C TYR A 190 -21.03 1.43 -1.43
N TYR A 191 -21.08 2.29 -0.41
CA TYR A 191 -22.21 2.52 0.48
C TYR A 191 -23.44 3.17 -0.16
N GLU A 192 -23.33 3.54 -1.45
CA GLU A 192 -24.43 4.05 -2.29
C GLU A 192 -25.39 2.87 -2.48
N CYS A 193 -24.80 1.66 -2.59
CA CYS A 193 -25.45 0.35 -2.71
C CYS A 193 -26.37 0.13 -3.90
N THR A 194 -26.17 0.94 -4.94
CA THR A 194 -26.93 0.85 -6.18
C THR A 194 -25.91 0.50 -7.28
N GLY A 195 -26.41 0.29 -8.51
CA GLY A 195 -25.62 0.02 -9.71
C GLY A 195 -24.55 -1.04 -9.56
N ILE A 196 -23.28 -0.63 -9.73
CA ILE A 196 -22.13 -1.53 -9.65
C ILE A 196 -21.83 -2.09 -8.24
N TYR A 197 -22.45 -1.49 -7.20
CA TYR A 197 -22.23 -1.85 -5.79
C TYR A 197 -23.37 -2.64 -5.16
N LYS A 198 -24.50 -2.82 -5.89
CA LYS A 198 -25.69 -3.51 -5.37
C LYS A 198 -25.34 -4.90 -4.84
N GLU A 199 -24.72 -5.75 -5.69
CA GLU A 199 -24.31 -7.14 -5.43
C GLU A 199 -23.39 -7.22 -4.19
N ALA A 200 -22.39 -6.32 -4.13
CA ALA A 200 -21.40 -6.22 -3.05
C ALA A 200 -22.04 -5.92 -1.71
N CYS A 201 -22.94 -4.93 -1.66
CA CYS A 201 -23.66 -4.49 -0.47
C CYS A 201 -24.55 -5.61 0.07
N THR A 202 -25.20 -6.35 -0.84
CA THR A 202 -26.05 -7.50 -0.57
C THR A 202 -25.17 -8.63 -0.02
N ALA A 203 -24.06 -8.94 -0.73
CA ALA A 203 -23.07 -9.95 -0.32
C ALA A 203 -22.39 -9.60 1.02
N TYR A 204 -22.26 -8.30 1.32
CA TYR A 204 -21.65 -7.83 2.56
C TYR A 204 -22.54 -8.18 3.78
N VAL A 205 -23.85 -7.89 3.70
CA VAL A 205 -24.82 -8.21 4.77
C VAL A 205 -25.01 -9.71 4.80
N ASP A 206 -25.03 -10.36 3.64
CA ASP A 206 -25.16 -11.82 3.54
C ASP A 206 -24.03 -12.52 4.31
N PHE A 207 -22.78 -11.97 4.21
CA PHE A 207 -21.55 -12.44 4.88
C PHE A 207 -21.70 -12.28 6.40
N MET A 208 -22.17 -11.09 6.85
CA MET A 208 -22.45 -10.78 8.26
C MET A 208 -23.40 -11.86 8.82
N ILE A 209 -24.56 -12.06 8.14
CA ILE A 209 -25.61 -13.02 8.50
C ILE A 209 -25.05 -14.44 8.54
N SER A 210 -24.24 -14.82 7.53
CA SER A 210 -23.62 -16.16 7.45
C SER A 210 -22.71 -16.39 8.61
N VAL A 211 -21.86 -15.40 8.94
CA VAL A 211 -20.94 -15.54 10.07
C VAL A 211 -21.71 -15.57 11.41
N ALA A 212 -22.78 -14.74 11.53
CA ALA A 212 -23.61 -14.70 12.74
C ALA A 212 -24.21 -16.07 12.98
N ARG A 213 -24.80 -16.70 11.93
CA ARG A 213 -25.41 -18.02 11.94
C ARG A 213 -24.46 -19.16 12.33
N LEU A 214 -23.22 -19.18 11.79
CA LEU A 214 -22.21 -20.19 12.11
C LEU A 214 -21.83 -20.20 13.59
N ILE A 215 -21.65 -19.00 14.19
CA ILE A 215 -21.28 -18.80 15.60
C ILE A 215 -22.40 -19.30 16.53
N ARG A 216 -23.66 -18.89 16.24
CA ARG A 216 -24.84 -19.31 17.00
C ARG A 216 -24.96 -20.83 16.92
N GLN A 217 -24.91 -21.41 15.69
CA GLN A 217 -24.96 -22.84 15.44
C GLN A 217 -23.94 -23.60 16.31
N GLU A 218 -22.69 -23.06 16.42
CA GLU A 218 -21.61 -23.65 17.21
C GLU A 218 -21.90 -23.58 18.70
N GLU A 219 -22.45 -22.45 19.16
CA GLU A 219 -22.81 -22.19 20.56
C GLU A 219 -24.19 -22.80 20.93
N ARG A 220 -24.88 -23.45 19.95
CA ARG A 220 -26.20 -24.08 20.06
C ARG A 220 -27.31 -23.10 20.55
N LEU A 221 -27.46 -21.98 19.82
CA LEU A 221 -28.45 -20.95 20.12
C LEU A 221 -29.55 -20.94 19.05
N PRO A 222 -30.80 -20.53 19.39
CA PRO A 222 -31.87 -20.56 18.37
C PRO A 222 -31.65 -19.59 17.22
N ILE A 223 -31.80 -20.10 15.99
CA ILE A 223 -31.61 -19.26 14.82
C ILE A 223 -32.91 -18.74 14.20
N ASP A 224 -33.09 -17.40 14.30
CA ASP A 224 -34.19 -16.63 13.72
C ASP A 224 -33.55 -15.81 12.59
N GLU A 225 -33.78 -16.24 11.34
CA GLU A 225 -33.25 -15.60 10.13
C GLU A 225 -33.74 -14.15 10.00
N ASN A 226 -35.01 -13.91 10.37
CA ASN A 226 -35.66 -12.60 10.35
C ASN A 226 -34.92 -11.61 11.24
N GLN A 227 -34.50 -12.07 12.43
CA GLN A 227 -33.79 -11.29 13.43
C GLN A 227 -32.34 -11.05 13.04
N LEU A 228 -31.68 -12.06 12.39
CA LEU A 228 -30.29 -11.93 11.94
C LEU A 228 -30.23 -10.82 10.87
N ALA A 229 -31.15 -10.89 9.90
CA ALA A 229 -31.29 -9.91 8.83
C ALA A 229 -31.61 -8.51 9.38
N LEU A 230 -32.44 -8.44 10.43
CA LEU A 230 -32.81 -7.17 11.06
C LEU A 230 -31.62 -6.49 11.74
N GLU A 231 -30.85 -7.26 12.55
CA GLU A 231 -29.69 -6.74 13.28
C GLU A 231 -28.54 -6.38 12.34
N MET A 232 -28.36 -7.18 11.27
CA MET A 232 -27.28 -6.99 10.30
C MET A 232 -27.54 -5.87 9.31
N ASN A 233 -28.81 -5.66 8.89
CA ASN A 233 -29.15 -4.55 8.00
C ASN A 233 -28.99 -3.21 8.72
N LYS A 234 -29.08 -3.25 10.08
CA LYS A 234 -28.89 -2.10 10.96
C LYS A 234 -27.39 -1.77 11.08
N VAL A 235 -26.51 -2.80 10.98
CA VAL A 235 -25.06 -2.58 11.01
C VAL A 235 -24.69 -1.84 9.71
N MET A 236 -25.26 -2.31 8.57
CA MET A 236 -25.07 -1.73 7.25
C MET A 236 -25.57 -0.29 7.21
N GLU A 237 -26.74 -0.02 7.86
CA GLU A 237 -27.35 1.31 7.99
C GLU A 237 -26.40 2.21 8.78
N LEU A 238 -25.80 1.68 9.88
CA LEU A 238 -24.86 2.42 10.70
C LEU A 238 -23.58 2.71 9.91
N GLU A 239 -23.03 1.70 9.18
CA GLU A 239 -21.82 1.89 8.40
C GLU A 239 -22.02 2.82 7.22
N LYS A 240 -23.21 2.78 6.59
CA LYS A 240 -23.59 3.68 5.47
C LYS A 240 -23.48 5.14 5.96
N GLU A 241 -23.97 5.39 7.19
CA GLU A 241 -23.90 6.71 7.82
C GLU A 241 -22.44 7.12 8.06
N ILE A 242 -21.63 6.22 8.66
CA ILE A 242 -20.21 6.46 8.93
C ILE A 242 -19.47 6.77 7.65
N ALA A 243 -19.70 5.96 6.60
CA ALA A 243 -19.10 6.12 5.26
C ALA A 243 -19.41 7.48 4.67
N ASN A 244 -20.67 7.94 4.80
CA ASN A 244 -21.08 9.24 4.30
C ASN A 244 -20.38 10.38 5.07
N ALA A 245 -20.17 10.21 6.39
CA ALA A 245 -19.45 11.20 7.21
C ALA A 245 -17.95 11.31 6.90
N THR A 246 -17.32 10.26 6.30
CA THR A 246 -15.89 10.28 5.99
C THR A 246 -15.61 11.25 4.88
N ALA A 247 -14.46 11.95 4.97
CA ALA A 247 -14.00 12.88 3.96
C ALA A 247 -13.52 12.11 2.75
N LYS A 248 -13.75 12.68 1.57
CA LYS A 248 -13.36 12.16 0.26
C LYS A 248 -11.82 12.27 0.11
N PRO A 249 -11.16 11.40 -0.71
CA PRO A 249 -9.68 11.50 -0.84
C PRO A 249 -9.16 12.80 -1.42
N GLU A 250 -9.97 13.51 -2.21
CA GLU A 250 -9.62 14.81 -2.79
C GLU A 250 -9.63 15.89 -1.70
N ASP A 251 -10.36 15.66 -0.59
CA ASP A 251 -10.42 16.58 0.55
C ASP A 251 -9.30 16.29 1.59
N ARG A 252 -8.44 15.28 1.31
CA ARG A 252 -7.36 14.81 2.19
C ARG A 252 -6.00 14.82 1.49
N ASN A 253 -5.95 15.35 0.28
CA ASN A 253 -4.74 15.35 -0.52
C ASN A 253 -3.75 16.48 -0.26
N ASP A 254 -4.15 17.47 0.56
CA ASP A 254 -3.26 18.57 0.92
C ASP A 254 -2.78 18.40 2.38
N PRO A 255 -1.49 18.05 2.60
CA PRO A 255 -1.01 17.82 3.97
C PRO A 255 -1.04 19.04 4.91
N MET A 256 -0.85 20.26 4.37
CA MET A 256 -0.96 21.47 5.20
C MET A 256 -2.37 21.63 5.75
N LEU A 257 -3.39 21.34 4.92
CA LEU A 257 -4.81 21.42 5.32
C LEU A 257 -5.25 20.32 6.30
N LEU A 258 -4.75 19.08 6.10
CA LEU A 258 -5.06 17.94 6.96
C LEU A 258 -4.51 18.09 8.39
N TYR A 259 -3.35 18.74 8.54
CA TYR A 259 -2.72 18.93 9.87
C TYR A 259 -3.44 19.90 10.80
N ASN A 260 -3.96 19.39 11.94
CA ASN A 260 -4.65 20.22 12.92
C ASN A 260 -4.25 19.76 14.32
N LYS A 261 -3.20 20.38 14.90
CA LYS A 261 -2.78 20.02 16.25
C LYS A 261 -3.61 20.75 17.29
N MET A 262 -4.01 20.03 18.33
CA MET A 262 -4.74 20.57 19.45
C MET A 262 -4.55 19.70 20.69
N THR A 263 -4.91 20.26 21.84
CA THR A 263 -4.84 19.64 23.15
C THR A 263 -6.00 18.67 23.28
N LEU A 264 -5.84 17.65 24.15
CA LEU A 264 -6.86 16.64 24.42
C LEU A 264 -8.07 17.24 25.13
N ALA A 265 -7.89 18.36 25.85
CA ALA A 265 -9.00 19.06 26.50
C ALA A 265 -9.71 19.87 25.41
N GLN A 266 -8.94 20.39 24.44
CA GLN A 266 -9.44 21.13 23.28
C GLN A 266 -10.26 20.18 22.41
N ILE A 267 -9.76 18.91 22.21
CA ILE A 267 -10.50 17.89 21.45
C ILE A 267 -11.82 17.66 22.19
N GLN A 268 -11.74 17.41 23.52
CA GLN A 268 -12.89 17.19 24.42
C GLN A 268 -13.89 18.35 24.38
N ASN A 269 -13.37 19.61 24.18
CA ASN A 269 -14.15 20.85 24.07
C ASN A 269 -14.99 20.85 22.78
N ASN A 270 -14.32 21.04 21.62
CA ASN A 270 -14.93 21.10 20.29
C ASN A 270 -15.61 19.79 19.83
N PHE A 271 -14.90 18.64 19.91
CA PHE A 271 -15.42 17.35 19.42
C PHE A 271 -16.10 16.47 20.46
N SER A 272 -17.23 16.96 20.99
CA SER A 272 -18.04 16.24 21.98
C SER A 272 -18.85 15.10 21.31
N LEU A 273 -18.97 13.95 22.00
CA LEU A 273 -19.74 12.81 21.48
C LEU A 273 -20.65 12.25 22.57
N GLU A 274 -21.90 11.89 22.21
CA GLU A 274 -22.87 11.30 23.13
C GLU A 274 -23.23 9.90 22.67
N ILE A 275 -22.65 8.89 23.33
CA ILE A 275 -22.91 7.49 23.00
C ILE A 275 -23.64 6.82 24.16
N ASN A 276 -24.86 6.31 23.86
CA ASN A 276 -25.77 5.65 24.79
C ASN A 276 -26.27 6.64 25.86
N GLY A 277 -26.78 7.78 25.38
CA GLY A 277 -27.31 8.86 26.20
C GLY A 277 -26.33 9.64 27.05
N LYS A 278 -25.18 9.02 27.39
CA LYS A 278 -24.14 9.62 28.23
C LYS A 278 -22.96 10.14 27.41
N PRO A 279 -22.43 11.37 27.71
CA PRO A 279 -21.30 11.89 26.93
C PRO A 279 -20.00 11.10 27.03
N PHE A 280 -19.28 11.04 25.88
CA PHE A 280 -17.99 10.36 25.67
C PHE A 280 -16.86 11.22 26.21
N SER A 281 -15.88 10.55 26.84
CA SER A 281 -14.69 11.13 27.47
C SER A 281 -13.43 10.78 26.69
N TRP A 282 -12.86 11.78 26.02
CA TRP A 282 -11.64 11.65 25.24
C TRP A 282 -10.39 11.35 26.08
N LEU A 283 -10.44 11.65 27.39
CA LEU A 283 -9.33 11.37 28.29
C LEU A 283 -9.32 9.92 28.76
N ASN A 284 -10.51 9.36 29.06
CA ASN A 284 -10.65 7.97 29.49
C ASN A 284 -10.28 7.07 28.31
N PHE A 285 -10.84 7.38 27.10
CA PHE A 285 -10.58 6.66 25.84
C PHE A 285 -9.09 6.52 25.57
N THR A 286 -8.34 7.63 25.63
CA THR A 286 -6.90 7.68 25.37
C THR A 286 -6.09 6.90 26.41
N ASN A 287 -6.45 7.04 27.70
CA ASN A 287 -5.75 6.33 28.77
C ASN A 287 -6.04 4.85 28.72
N GLU A 288 -7.31 4.49 28.40
CA GLU A 288 -7.73 3.09 28.20
C GLU A 288 -6.83 2.47 27.16
N ILE A 289 -6.51 3.21 26.07
CA ILE A 289 -5.56 2.75 25.06
C ILE A 289 -4.12 2.76 25.61
N MET A 290 -3.65 3.93 26.06
CA MET A 290 -2.25 4.11 26.49
C MET A 290 -1.80 3.41 27.77
N SER A 291 -2.73 2.93 28.61
CA SER A 291 -2.39 2.17 29.84
C SER A 291 -1.80 0.80 29.50
N THR A 292 -2.19 0.25 28.32
CA THR A 292 -1.77 -1.03 27.71
C THR A 292 -0.25 -1.12 27.65
N VAL A 293 0.38 0.04 27.47
CA VAL A 293 1.80 0.21 27.26
C VAL A 293 2.49 1.01 28.41
N ASN A 294 1.76 1.19 29.55
CA ASN A 294 2.20 1.92 30.75
C ASN A 294 2.63 3.36 30.40
N ILE A 295 1.71 4.10 29.76
CA ILE A 295 1.93 5.49 29.35
C ILE A 295 0.74 6.31 29.81
N SER A 296 1.04 7.28 30.65
CA SER A 296 0.07 8.22 31.22
C SER A 296 -0.20 9.36 30.26
N ILE A 297 -1.48 9.70 30.10
CA ILE A 297 -1.93 10.77 29.22
C ILE A 297 -2.63 11.84 30.04
N THR A 298 -2.12 13.06 29.92
CA THR A 298 -2.61 14.26 30.60
C THR A 298 -3.88 14.78 29.89
N ASN A 299 -4.55 15.79 30.45
CA ASN A 299 -5.71 16.42 29.82
C ASN A 299 -5.16 17.51 28.90
N GLU A 300 -3.83 17.65 28.87
CA GLU A 300 -3.07 18.63 28.10
C GLU A 300 -2.13 18.02 27.04
N GLU A 301 -2.48 16.82 26.55
CA GLU A 301 -1.70 16.12 25.52
C GLU A 301 -2.04 16.76 24.16
N ASP A 302 -1.00 16.98 23.32
CA ASP A 302 -1.13 17.48 21.95
C ASP A 302 -1.52 16.27 21.08
N VAL A 303 -2.55 16.43 20.24
CA VAL A 303 -3.08 15.37 19.37
C VAL A 303 -3.37 15.96 17.99
N VAL A 304 -2.86 15.30 16.92
CA VAL A 304 -3.10 15.72 15.54
C VAL A 304 -4.44 15.11 15.05
N VAL A 305 -5.44 15.97 14.74
CA VAL A 305 -6.75 15.57 14.22
C VAL A 305 -6.70 15.69 12.70
N TYR A 306 -6.78 14.54 12.01
CA TYR A 306 -6.74 14.50 10.57
C TYR A 306 -8.13 14.66 9.98
N ALA A 307 -9.16 14.34 10.78
CA ALA A 307 -10.57 14.37 10.40
C ALA A 307 -11.47 15.17 11.38
N PRO A 308 -11.23 16.51 11.57
CA PRO A 308 -12.11 17.30 12.45
C PRO A 308 -13.58 17.30 11.97
N GLU A 309 -13.80 17.38 10.62
CA GLU A 309 -15.16 17.35 10.05
C GLU A 309 -15.84 16.04 10.38
N TYR A 310 -15.13 14.91 10.23
CA TYR A 310 -15.68 13.59 10.53
C TYR A 310 -16.18 13.46 11.98
N LEU A 311 -15.39 13.94 12.98
CA LEU A 311 -15.78 13.90 14.40
C LEU A 311 -17.03 14.76 14.63
N THR A 312 -17.11 15.93 13.98
CA THR A 312 -18.26 16.86 14.01
C THR A 312 -19.51 16.19 13.45
N LYS A 313 -19.38 15.45 12.34
CA LYS A 313 -20.49 14.73 11.70
C LYS A 313 -20.82 13.44 12.46
N LEU A 314 -19.86 12.91 13.22
CA LEU A 314 -20.02 11.66 13.98
C LEU A 314 -21.03 11.76 15.13
N LYS A 315 -21.08 12.94 15.81
CA LYS A 315 -21.97 13.22 16.94
C LYS A 315 -23.45 12.98 16.65
N PRO A 316 -24.10 13.61 15.62
CA PRO A 316 -25.51 13.31 15.35
C PRO A 316 -25.78 11.85 14.96
N ILE A 317 -24.76 11.12 14.42
CA ILE A 317 -24.91 9.72 14.02
C ILE A 317 -24.96 8.79 15.25
N LEU A 318 -23.90 8.82 16.08
CA LEU A 318 -23.75 7.95 17.25
C LEU A 318 -24.85 8.02 18.34
N THR A 319 -25.59 9.15 18.44
CA THR A 319 -26.68 9.34 19.41
C THR A 319 -27.91 8.51 19.03
N LYS A 320 -28.00 8.12 17.74
CA LYS A 320 -29.12 7.37 17.16
C LYS A 320 -28.97 5.85 17.25
N TYR A 321 -27.83 5.36 17.75
CA TYR A 321 -27.60 3.92 17.87
C TYR A 321 -27.32 3.50 19.29
N SER A 322 -27.82 2.30 19.67
CA SER A 322 -27.66 1.72 21.01
C SER A 322 -26.32 0.98 21.15
N ALA A 323 -25.98 0.58 22.39
CA ALA A 323 -24.77 -0.18 22.75
C ALA A 323 -24.66 -1.46 21.91
N ARG A 324 -25.79 -2.14 21.69
CA ARG A 324 -25.96 -3.36 20.92
C ARG A 324 -25.71 -3.09 19.42
N ASP A 325 -26.30 -2.00 18.88
CA ASP A 325 -26.17 -1.57 17.48
C ASP A 325 -24.72 -1.30 17.13
N LEU A 326 -24.01 -0.60 18.05
CA LEU A 326 -22.61 -0.24 17.90
C LEU A 326 -21.69 -1.44 18.03
N GLN A 327 -21.82 -2.23 19.11
CA GLN A 327 -20.99 -3.42 19.33
C GLN A 327 -21.14 -4.45 18.21
N ASN A 328 -22.33 -4.50 17.56
CA ASN A 328 -22.61 -5.39 16.43
C ASN A 328 -21.72 -5.00 15.26
N LEU A 329 -21.60 -3.70 14.96
CA LEU A 329 -20.71 -3.24 13.91
C LEU A 329 -19.26 -3.40 14.31
N MET A 330 -18.86 -2.90 15.50
CA MET A 330 -17.49 -2.96 16.03
C MET A 330 -16.88 -4.35 16.03
N SER A 331 -17.62 -5.33 16.59
CA SER A 331 -17.16 -6.72 16.63
C SER A 331 -17.07 -7.33 15.24
N TRP A 332 -18.05 -7.02 14.36
CA TRP A 332 -18.09 -7.50 12.99
C TRP A 332 -16.84 -7.11 12.24
N ARG A 333 -16.43 -5.83 12.36
CA ARG A 333 -15.25 -5.33 11.69
C ARG A 333 -13.97 -6.12 12.07
N PHE A 334 -13.89 -6.65 13.29
CA PHE A 334 -12.73 -7.46 13.71
C PHE A 334 -12.90 -8.90 13.21
N ILE A 335 -14.11 -9.47 13.42
CA ILE A 335 -14.51 -10.84 13.07
C ILE A 335 -14.33 -11.12 11.60
N MET A 336 -14.72 -10.16 10.75
CA MET A 336 -14.59 -10.34 9.29
C MET A 336 -13.14 -10.59 8.83
N ASP A 337 -12.16 -10.06 9.58
CA ASP A 337 -10.73 -10.22 9.32
C ASP A 337 -10.17 -11.52 9.92
N LEU A 338 -10.93 -12.21 10.83
CA LEU A 338 -10.51 -13.43 11.53
C LEU A 338 -11.00 -14.74 10.91
N VAL A 339 -12.20 -14.70 10.28
CA VAL A 339 -12.85 -15.88 9.65
C VAL A 339 -11.97 -16.75 8.76
N SER A 340 -11.03 -16.12 8.02
CA SER A 340 -10.09 -16.83 7.15
C SER A 340 -9.03 -17.63 7.92
N SER A 341 -8.85 -17.36 9.22
CA SER A 341 -7.86 -18.07 10.05
C SER A 341 -8.53 -19.24 10.78
N LEU A 342 -9.84 -19.42 10.54
CA LEU A 342 -10.63 -20.48 11.15
C LEU A 342 -10.90 -21.61 10.16
N SER A 343 -11.72 -22.59 10.55
CA SER A 343 -12.03 -23.77 9.76
C SER A 343 -12.74 -23.47 8.43
N ARG A 344 -12.90 -24.55 7.61
CA ARG A 344 -13.51 -24.62 6.28
C ARG A 344 -14.79 -23.80 6.13
N THR A 345 -15.79 -24.04 7.01
CA THR A 345 -17.09 -23.33 6.97
C THR A 345 -16.97 -21.83 7.19
N TYR A 346 -16.03 -21.39 8.02
CA TYR A 346 -15.78 -19.96 8.25
C TYR A 346 -15.13 -19.41 7.01
N LYS A 347 -14.09 -20.09 6.49
CA LYS A 347 -13.38 -19.73 5.26
C LYS A 347 -14.34 -19.59 4.10
N GLU A 348 -15.19 -20.61 3.88
CA GLU A 348 -16.22 -20.63 2.82
C GLU A 348 -17.15 -19.41 2.82
N SER A 349 -17.47 -18.85 4.01
CA SER A 349 -18.33 -17.64 4.08
C SER A 349 -17.62 -16.36 3.53
N ARG A 350 -16.30 -16.21 3.76
CA ARG A 350 -15.49 -15.10 3.24
C ARG A 350 -15.27 -15.24 1.74
N ASN A 351 -14.97 -16.47 1.29
CA ASN A 351 -14.78 -16.80 -0.14
C ASN A 351 -15.97 -16.30 -0.99
N ALA A 352 -17.22 -16.57 -0.54
CA ALA A 352 -18.44 -16.12 -1.22
C ALA A 352 -18.48 -14.58 -1.33
N PHE A 353 -18.17 -13.87 -0.21
CA PHE A 353 -18.10 -12.41 -0.17
C PHE A 353 -17.00 -11.89 -1.11
N ARG A 354 -15.84 -12.55 -1.11
CA ARG A 354 -14.69 -12.21 -1.95
C ARG A 354 -15.09 -12.31 -3.42
N LYS A 355 -15.75 -13.43 -3.79
CA LYS A 355 -16.27 -13.73 -5.13
C LYS A 355 -17.21 -12.62 -5.59
N ALA A 356 -18.05 -12.08 -4.66
CA ALA A 356 -18.95 -10.99 -4.97
C ALA A 356 -18.26 -9.65 -5.17
N LEU A 357 -17.20 -9.35 -4.41
CA LEU A 357 -16.47 -8.10 -4.58
C LEU A 357 -15.56 -8.11 -5.80
N TYR A 358 -14.76 -9.19 -5.96
CA TYR A 358 -13.68 -9.27 -6.96
C TYR A 358 -13.86 -10.13 -8.20
N VAL A 359 -14.98 -10.85 -8.31
CA VAL A 359 -15.26 -11.77 -9.44
C VAL A 359 -14.13 -12.85 -9.56
N THR A 360 -13.51 -13.20 -8.39
CA THR A 360 -12.48 -14.24 -8.26
C THR A 360 -13.18 -15.51 -7.79
N THR A 361 -12.91 -16.63 -8.44
CA THR A 361 -13.58 -17.88 -8.10
C THR A 361 -12.72 -18.81 -7.26
N SER A 362 -11.50 -18.39 -6.93
CA SER A 362 -10.61 -19.22 -6.14
C SER A 362 -9.65 -18.42 -5.28
N GLU A 363 -9.28 -18.98 -4.14
CA GLU A 363 -8.34 -18.37 -3.22
C GLU A 363 -6.94 -18.80 -3.64
N THR A 364 -5.94 -17.96 -3.35
CA THR A 364 -4.52 -18.22 -3.59
C THR A 364 -4.11 -19.52 -2.83
N ALA A 365 -3.06 -20.23 -3.30
CA ALA A 365 -2.53 -21.43 -2.64
C ALA A 365 -2.24 -21.12 -1.15
N THR A 366 -2.60 -22.03 -0.24
CA THR A 366 -2.40 -21.83 1.18
C THR A 366 -0.92 -21.52 1.45
N TRP A 367 0.01 -22.31 0.88
CA TRP A 367 1.43 -22.06 1.08
C TRP A 367 1.82 -20.62 0.73
N ARG A 368 1.25 -20.05 -0.37
CA ARG A 368 1.48 -18.69 -0.86
C ARG A 368 0.99 -17.66 0.12
N ARG A 369 -0.27 -17.79 0.59
CA ARG A 369 -0.83 -16.88 1.59
C ARG A 369 -0.01 -16.90 2.88
N CYS A 370 0.50 -18.09 3.25
CA CYS A 370 1.28 -18.31 4.47
C CYS A 370 2.66 -17.71 4.38
N ALA A 371 3.34 -17.91 3.23
CA ALA A 371 4.65 -17.34 3.02
C ALA A 371 4.53 -15.82 3.15
N ASN A 372 3.46 -15.21 2.56
CA ASN A 372 3.15 -13.78 2.58
C ASN A 372 2.81 -13.32 3.98
N TYR A 373 2.07 -14.13 4.75
CA TYR A 373 1.70 -13.77 6.12
C TYR A 373 2.95 -13.65 7.03
N VAL A 374 3.88 -14.62 6.91
CA VAL A 374 5.13 -14.70 7.64
C VAL A 374 6.01 -13.53 7.24
N ASN A 375 6.12 -13.26 5.91
CA ASN A 375 6.93 -12.13 5.40
C ASN A 375 6.45 -10.79 5.95
N GLY A 376 5.13 -10.62 6.10
CA GLY A 376 4.55 -9.37 6.58
C GLY A 376 4.72 -9.08 8.05
N ASN A 377 4.75 -10.14 8.88
CA ASN A 377 4.89 -10.07 10.34
C ASN A 377 6.35 -10.23 10.81
N MET A 378 7.19 -10.82 9.99
CA MET A 378 8.61 -11.05 10.31
C MET A 378 9.50 -10.67 9.12
N GLU A 379 9.33 -9.46 8.60
CA GLU A 379 10.04 -8.93 7.42
C GLU A 379 11.56 -9.00 7.47
N ASN A 380 12.14 -8.91 8.69
CA ASN A 380 13.60 -8.97 8.87
C ASN A 380 14.10 -10.43 8.85
N ALA A 381 13.42 -11.37 9.56
CA ALA A 381 13.82 -12.79 9.50
C ALA A 381 13.62 -13.33 8.08
N VAL A 382 12.48 -13.02 7.46
CA VAL A 382 12.18 -13.51 6.11
C VAL A 382 13.07 -12.80 5.09
N GLY A 383 13.32 -11.50 5.29
CA GLY A 383 14.18 -10.74 4.41
C GLY A 383 15.60 -11.28 4.33
N ARG A 384 16.11 -11.74 5.47
CA ARG A 384 17.47 -12.30 5.58
C ARG A 384 17.52 -13.62 4.77
N LEU A 385 16.52 -14.48 4.96
CA LEU A 385 16.41 -15.76 4.23
C LEU A 385 16.32 -15.48 2.72
N TYR A 386 15.48 -14.48 2.35
CA TYR A 386 15.30 -14.08 0.95
C TYR A 386 16.59 -13.63 0.29
N VAL A 387 17.28 -12.69 0.91
CA VAL A 387 18.50 -12.16 0.28
C VAL A 387 19.61 -13.18 0.19
N GLU A 388 19.75 -14.02 1.23
CA GLU A 388 20.76 -15.09 1.23
C GLU A 388 20.48 -16.08 0.09
N ALA A 389 19.19 -16.38 -0.17
CA ALA A 389 18.80 -17.30 -1.25
C ALA A 389 18.76 -16.69 -2.64
N ALA A 390 18.25 -15.44 -2.76
CA ALA A 390 18.01 -14.80 -4.08
C ALA A 390 18.70 -13.49 -4.49
N PHE A 391 19.29 -12.72 -3.55
CA PHE A 391 19.87 -11.44 -3.92
C PHE A 391 21.40 -11.34 -3.78
N ALA A 392 22.05 -10.94 -4.88
CA ALA A 392 23.50 -10.73 -4.86
C ALA A 392 23.72 -9.31 -4.24
N GLY A 393 24.13 -9.29 -2.96
CA GLY A 393 24.40 -8.07 -2.19
C GLY A 393 25.52 -7.20 -2.74
N GLU A 394 26.23 -7.72 -3.75
CA GLU A 394 27.30 -7.03 -4.46
C GLU A 394 26.66 -6.00 -5.38
N SER A 395 25.43 -6.31 -5.87
CA SER A 395 24.70 -5.41 -6.75
C SER A 395 24.09 -4.19 -6.01
N LYS A 396 24.35 -4.05 -4.69
CA LYS A 396 23.92 -2.90 -3.89
C LYS A 396 24.72 -1.69 -4.38
N HIS A 397 26.01 -1.91 -4.73
CA HIS A 397 26.95 -0.89 -5.21
C HIS A 397 26.57 -0.31 -6.55
N VAL A 398 26.08 -1.14 -7.46
CA VAL A 398 25.66 -0.75 -8.81
C VAL A 398 24.46 0.21 -8.69
N VAL A 399 23.47 -0.18 -7.89
CA VAL A 399 22.27 0.62 -7.61
C VAL A 399 22.65 1.90 -6.85
N GLU A 400 23.57 1.79 -5.87
CA GLU A 400 24.09 2.95 -5.11
C GLU A 400 24.56 4.04 -6.11
N ASP A 401 25.33 3.61 -7.12
CA ASP A 401 25.86 4.50 -8.16
C ASP A 401 24.75 5.05 -9.07
N LEU A 402 23.73 4.24 -9.41
CA LEU A 402 22.60 4.68 -10.25
C LEU A 402 21.76 5.73 -9.54
N ILE A 403 21.50 5.53 -8.23
CA ILE A 403 20.75 6.49 -7.41
C ILE A 403 21.50 7.81 -7.39
N ALA A 404 22.85 7.75 -7.23
CA ALA A 404 23.75 8.90 -7.22
C ALA A 404 23.66 9.67 -8.53
N GLN A 405 23.69 8.97 -9.69
CA GLN A 405 23.55 9.57 -11.05
C GLN A 405 22.18 10.27 -11.22
N ILE A 406 21.06 9.59 -10.78
CA ILE A 406 19.70 10.14 -10.89
C ILE A 406 19.48 11.32 -9.97
N ARG A 407 20.07 11.30 -8.77
CA ARG A 407 19.95 12.40 -7.80
C ARG A 407 20.63 13.66 -8.35
N GLU A 408 21.78 13.48 -9.01
CA GLU A 408 22.60 14.50 -9.66
C GLU A 408 21.82 15.08 -10.86
N VAL A 409 21.16 14.22 -11.65
CA VAL A 409 20.36 14.65 -12.79
C VAL A 409 19.20 15.49 -12.32
N PHE A 410 18.59 15.14 -11.16
CA PHE A 410 17.46 15.91 -10.63
C PHE A 410 17.94 17.34 -10.31
N ILE A 411 19.06 17.46 -9.55
CA ILE A 411 19.67 18.73 -9.14
C ILE A 411 20.04 19.63 -10.36
N GLN A 412 20.70 19.05 -11.39
CA GLN A 412 21.09 19.74 -12.62
C GLN A 412 19.87 20.29 -13.40
N THR A 413 18.78 19.50 -13.42
CA THR A 413 17.52 19.84 -14.11
C THR A 413 16.90 21.08 -13.52
N LEU A 414 17.01 21.28 -12.17
CA LEU A 414 16.45 22.46 -11.47
C LEU A 414 16.79 23.78 -12.16
N ASP A 415 18.01 23.89 -12.70
CA ASP A 415 18.51 25.05 -13.44
C ASP A 415 17.62 25.31 -14.63
N ASP A 416 17.33 24.24 -15.41
CA ASP A 416 16.53 24.25 -16.64
C ASP A 416 15.01 24.44 -16.44
N LEU A 417 14.53 24.57 -15.18
CA LEU A 417 13.09 24.76 -14.98
C LEU A 417 12.79 26.26 -14.87
N THR A 418 11.97 26.76 -15.80
CA THR A 418 11.63 28.19 -15.87
C THR A 418 10.57 28.62 -14.87
N TRP A 419 9.76 27.66 -14.38
CA TRP A 419 8.64 27.97 -13.48
C TRP A 419 9.00 28.16 -11.99
N MET A 420 10.27 28.04 -11.65
CA MET A 420 10.73 28.23 -10.29
C MET A 420 11.70 29.40 -10.21
N ASP A 421 11.72 30.10 -9.07
CA ASP A 421 12.66 31.19 -8.82
C ASP A 421 13.88 30.63 -8.08
N ALA A 422 15.08 31.23 -8.33
CA ALA A 422 16.37 30.80 -7.75
C ALA A 422 16.31 30.37 -6.28
N GLU A 423 15.51 31.06 -5.46
CA GLU A 423 15.33 30.81 -4.03
C GLU A 423 14.69 29.41 -3.80
N THR A 424 13.65 29.05 -4.60
CA THR A 424 12.97 27.74 -4.49
C THR A 424 13.88 26.62 -5.00
N LYS A 425 14.69 26.89 -6.06
CA LYS A 425 15.64 25.96 -6.63
C LYS A 425 16.73 25.59 -5.64
N LYS A 426 17.04 26.53 -4.73
CA LYS A 426 18.08 26.38 -3.71
C LYS A 426 17.61 25.42 -2.61
N ARG A 427 16.37 25.61 -2.16
CA ARG A 427 15.71 24.79 -1.15
C ARG A 427 15.42 23.36 -1.67
N ALA A 428 15.07 23.23 -2.98
CA ALA A 428 14.80 21.96 -3.65
C ALA A 428 16.10 21.19 -3.82
N GLU A 429 17.21 21.91 -4.05
CA GLU A 429 18.55 21.34 -4.15
C GLU A 429 18.93 20.79 -2.75
N GLU A 430 18.55 21.50 -1.65
CA GLU A 430 18.78 21.15 -0.25
C GLU A 430 18.04 19.86 0.08
N LYS A 431 16.74 19.78 -0.28
CA LYS A 431 15.93 18.58 -0.08
C LYS A 431 16.51 17.39 -0.83
N ALA A 432 16.88 17.57 -2.12
CA ALA A 432 17.43 16.53 -2.98
C ALA A 432 18.74 15.95 -2.47
N LEU A 433 19.59 16.80 -1.85
CA LEU A 433 20.85 16.34 -1.29
C LEU A 433 20.62 15.56 0.02
N ALA A 434 19.61 15.95 0.81
CA ALA A 434 19.28 15.31 2.08
C ALA A 434 18.48 14.00 1.95
N ILE A 435 18.11 13.59 0.71
CA ILE A 435 17.39 12.31 0.54
C ILE A 435 18.32 11.17 0.94
N LYS A 436 17.89 10.32 1.89
CA LYS A 436 18.66 9.14 2.24
C LYS A 436 18.12 7.93 1.47
N GLU A 437 19.00 7.15 0.89
CA GLU A 437 18.59 5.96 0.15
C GLU A 437 18.72 4.69 0.98
N ARG A 438 17.81 3.74 0.75
CA ARG A 438 17.81 2.41 1.38
C ARG A 438 17.80 1.39 0.25
N ILE A 439 18.89 0.62 0.10
CA ILE A 439 19.10 -0.33 -0.98
C ILE A 439 19.19 -1.78 -0.56
N GLY A 440 18.36 -2.60 -1.16
CA GLY A 440 18.37 -4.05 -0.99
C GLY A 440 17.80 -4.55 0.32
N TYR A 441 18.59 -4.44 1.38
CA TYR A 441 18.21 -4.94 2.71
C TYR A 441 19.08 -4.29 3.79
N PRO A 442 18.63 -4.15 5.05
CA PRO A 442 19.55 -3.61 6.07
C PRO A 442 20.64 -4.67 6.36
N ASP A 443 21.91 -4.26 6.27
CA ASP A 443 23.04 -5.16 6.49
C ASP A 443 22.96 -5.98 7.78
N ASP A 444 22.41 -5.37 8.85
CA ASP A 444 22.17 -5.91 10.19
C ASP A 444 21.38 -7.20 10.25
N ILE A 445 20.41 -7.40 9.32
CA ILE A 445 19.56 -8.60 9.36
C ILE A 445 20.36 -9.87 9.08
N VAL A 446 21.49 -9.75 8.36
CA VAL A 446 22.38 -10.85 7.98
C VAL A 446 23.55 -10.96 8.98
N SER A 447 24.17 -9.81 9.35
CA SER A 447 25.33 -9.73 10.23
C SER A 447 25.06 -9.67 11.75
N ASN A 448 23.80 -9.44 12.16
CA ASN A 448 23.50 -9.28 13.58
C ASN A 448 22.41 -10.17 14.15
N ASP A 449 22.76 -11.43 14.44
CA ASP A 449 21.88 -12.45 15.02
C ASP A 449 21.20 -12.01 16.30
N ASN A 450 21.96 -11.43 17.25
CA ASN A 450 21.41 -10.95 18.52
C ASN A 450 20.31 -9.93 18.34
N LYS A 451 20.56 -8.88 17.52
CA LYS A 451 19.56 -7.87 17.21
C LYS A 451 18.35 -8.56 16.52
N LEU A 452 18.62 -9.52 15.60
CA LEU A 452 17.52 -10.22 14.91
C LEU A 452 16.68 -11.03 15.87
N ASN A 453 17.35 -11.88 16.70
CA ASN A 453 16.68 -12.69 17.71
C ASN A 453 15.85 -11.84 18.66
N ASN A 454 16.42 -10.72 19.14
CA ASN A 454 15.78 -9.80 20.11
C ASN A 454 14.53 -9.10 19.63
N GLU A 455 14.42 -8.85 18.31
CA GLU A 455 13.22 -8.24 17.73
C GLU A 455 11.99 -9.13 17.97
N TYR A 456 12.17 -10.46 17.87
CA TYR A 456 11.04 -11.37 18.05
C TYR A 456 10.95 -12.08 19.42
N LEU A 457 11.81 -11.68 20.39
CA LEU A 457 11.93 -12.24 21.75
C LEU A 457 10.63 -12.49 22.46
N GLU A 458 9.73 -11.52 22.45
CA GLU A 458 8.42 -11.71 23.08
C GLU A 458 7.45 -12.65 22.31
N LEU A 459 7.87 -13.18 21.14
CA LEU A 459 7.01 -14.10 20.35
C LEU A 459 7.39 -15.57 20.60
N ASN A 460 6.37 -16.38 20.91
CA ASN A 460 6.49 -17.81 21.16
C ASN A 460 5.38 -18.49 20.39
N TYR A 461 5.77 -19.13 19.31
CA TYR A 461 4.77 -19.78 18.47
C TYR A 461 4.63 -21.25 18.77
N LYS A 462 3.39 -21.71 18.76
CA LYS A 462 3.03 -23.11 18.87
C LYS A 462 2.59 -23.56 17.46
N GLU A 463 3.17 -24.66 16.96
CA GLU A 463 2.91 -25.21 15.63
C GLU A 463 1.48 -25.70 15.37
N ASP A 464 0.72 -26.01 16.42
CA ASP A 464 -0.66 -26.49 16.30
C ASP A 464 -1.64 -25.37 16.64
N GLU A 465 -1.15 -24.18 16.92
CA GLU A 465 -2.04 -23.09 17.33
C GLU A 465 -1.94 -21.85 16.42
N TYR A 466 -2.32 -21.98 15.13
CA TYR A 466 -2.31 -20.84 14.20
C TYR A 466 -3.01 -19.57 14.75
N PHE A 467 -4.28 -19.69 15.21
CA PHE A 467 -5.05 -18.56 15.72
C PHE A 467 -4.35 -17.82 16.87
N GLU A 468 -3.89 -18.57 17.89
CA GLU A 468 -3.14 -18.06 19.04
C GLU A 468 -1.95 -17.26 18.52
N ASN A 469 -1.28 -17.78 17.44
CA ASN A 469 -0.15 -17.16 16.77
C ASN A 469 -0.47 -15.80 16.15
N ILE A 470 -1.56 -15.72 15.38
CA ILE A 470 -2.01 -14.49 14.69
C ILE A 470 -2.43 -13.39 15.69
N ILE A 471 -3.14 -13.78 16.77
CA ILE A 471 -3.57 -12.91 17.84
C ILE A 471 -2.37 -12.39 18.64
N GLN A 472 -1.33 -13.20 18.80
CA GLN A 472 -0.09 -12.79 19.48
C GLN A 472 0.59 -11.72 18.56
N ASN A 473 0.67 -11.98 17.24
CA ASN A 473 1.22 -11.05 16.26
C ASN A 473 0.42 -9.75 16.22
N LEU A 474 -0.92 -9.81 16.41
CA LEU A 474 -1.70 -8.56 16.45
C LEU A 474 -1.31 -7.73 17.70
N LYS A 475 -1.15 -8.41 18.86
CA LYS A 475 -0.78 -7.80 20.16
C LYS A 475 0.61 -7.16 20.13
N PHE A 476 1.61 -7.90 19.64
CA PHE A 476 3.00 -7.48 19.50
C PHE A 476 3.12 -6.25 18.62
N SER A 477 2.66 -6.34 17.35
CA SER A 477 2.68 -5.23 16.38
C SER A 477 2.08 -3.93 16.96
N GLN A 478 0.95 -4.03 17.69
CA GLN A 478 0.26 -2.86 18.28
C GLN A 478 0.97 -2.32 19.54
N SER A 479 1.50 -3.22 20.42
CA SER A 479 2.24 -2.82 21.62
C SER A 479 3.48 -2.03 21.23
N LYS A 480 4.21 -2.47 20.17
CA LYS A 480 5.40 -1.82 19.65
C LYS A 480 5.07 -0.39 19.26
N GLN A 481 4.02 -0.24 18.45
CA GLN A 481 3.52 1.02 17.93
C GLN A 481 3.17 2.00 19.03
N LEU A 482 2.37 1.57 20.04
CA LEU A 482 1.98 2.47 21.13
C LEU A 482 3.15 2.88 22.00
N LYS A 483 4.15 1.99 22.16
CA LYS A 483 5.36 2.21 22.97
C LYS A 483 6.19 3.37 22.45
N LYS A 484 6.22 3.54 21.11
CA LYS A 484 6.95 4.57 20.37
C LYS A 484 6.58 6.04 20.70
N LEU A 485 5.41 6.29 21.33
CA LEU A 485 4.92 7.65 21.64
C LEU A 485 5.92 8.61 22.29
N ARG A 486 6.51 8.19 23.43
CA ARG A 486 7.47 8.99 24.19
C ARG A 486 8.85 8.87 23.60
N GLU A 487 9.03 7.97 22.62
CA GLU A 487 10.31 7.71 21.98
C GLU A 487 10.60 8.59 20.76
N LYS A 488 11.87 8.65 20.38
CA LYS A 488 12.28 9.37 19.18
C LYS A 488 12.17 8.41 17.99
N VAL A 489 11.86 8.94 16.80
CA VAL A 489 11.79 8.14 15.57
C VAL A 489 13.19 7.57 15.32
N ASP A 490 13.30 6.25 15.10
CA ASP A 490 14.60 5.61 14.86
C ASP A 490 15.04 5.84 13.41
N LYS A 491 16.18 6.51 13.24
CA LYS A 491 16.78 6.88 11.95
C LYS A 491 17.09 5.65 11.07
N ASP A 492 17.76 4.65 11.67
CA ASP A 492 18.18 3.41 11.01
C ASP A 492 17.07 2.37 10.70
N GLU A 493 15.80 2.66 11.06
CA GLU A 493 14.63 1.80 10.84
C GLU A 493 14.17 1.93 9.37
N TRP A 494 13.99 0.78 8.69
CA TRP A 494 13.57 0.63 7.29
C TRP A 494 12.07 0.62 7.20
N ILE A 495 11.49 1.31 6.20
CA ILE A 495 10.04 1.35 6.02
C ILE A 495 9.45 0.11 5.28
N SER A 496 10.32 -0.80 4.83
CA SER A 496 9.90 -1.97 4.07
C SER A 496 10.88 -3.10 4.31
N GLY A 497 10.36 -4.33 4.27
CA GLY A 497 11.15 -5.54 4.30
C GLY A 497 11.88 -5.72 2.98
N ALA A 498 12.89 -6.61 2.95
CA ALA A 498 13.66 -6.84 1.74
C ALA A 498 12.88 -7.60 0.68
N ALA A 499 12.04 -8.54 1.12
CA ALA A 499 11.32 -9.46 0.24
C ALA A 499 9.98 -8.86 -0.27
N VAL A 500 10.08 -7.70 -0.92
CA VAL A 500 8.93 -6.90 -1.41
C VAL A 500 9.25 -6.46 -2.85
N VAL A 501 8.26 -6.57 -3.76
CA VAL A 501 8.38 -6.14 -5.15
C VAL A 501 7.69 -4.80 -5.29
N ASN A 502 8.37 -3.78 -4.80
CA ASN A 502 7.84 -2.42 -4.84
C ASN A 502 8.97 -1.47 -4.49
N ALA A 503 8.71 -0.16 -4.51
CA ALA A 503 9.72 0.84 -4.16
C ALA A 503 8.95 1.93 -3.53
N PHE A 504 9.58 2.73 -2.63
CA PHE A 504 8.79 3.69 -1.83
C PHE A 504 9.53 4.97 -1.59
N TYR A 505 8.78 6.00 -1.19
CA TYR A 505 9.32 7.29 -0.75
C TYR A 505 8.65 7.58 0.56
N SER A 506 9.43 8.02 1.58
CA SER A 506 8.88 8.47 2.88
C SER A 506 9.06 10.01 2.98
N SER A 507 7.96 10.76 3.09
CA SER A 507 8.01 12.22 3.22
C SER A 507 8.54 12.60 4.60
N GLY A 508 8.10 11.88 5.64
CA GLY A 508 8.50 12.08 7.03
C GLY A 508 9.95 11.79 7.32
N ARG A 509 10.55 10.85 6.58
CA ARG A 509 11.95 10.51 6.77
C ARG A 509 12.79 11.01 5.62
N ASN A 510 12.15 11.60 4.57
CA ASN A 510 12.80 12.06 3.33
C ASN A 510 13.72 10.98 2.82
N GLN A 511 13.15 9.79 2.59
CA GLN A 511 13.90 8.62 2.13
C GLN A 511 13.25 7.79 1.00
N ILE A 512 14.09 7.29 0.09
CA ILE A 512 13.76 6.43 -1.04
C ILE A 512 14.24 5.02 -0.68
N VAL A 513 13.38 4.02 -0.94
CA VAL A 513 13.63 2.63 -0.59
C VAL A 513 13.51 1.71 -1.79
N PHE A 514 14.56 0.89 -2.02
CA PHE A 514 14.54 -0.05 -3.12
C PHE A 514 14.81 -1.47 -2.59
N PRO A 515 13.75 -2.15 -2.06
CA PRO A 515 13.94 -3.52 -1.54
C PRO A 515 14.54 -4.47 -2.58
N ALA A 516 15.29 -5.50 -2.11
CA ALA A 516 15.93 -6.47 -3.00
C ALA A 516 14.94 -7.05 -4.03
N GLY A 517 13.67 -7.16 -3.65
CA GLY A 517 12.59 -7.71 -4.48
C GLY A 517 12.35 -7.01 -5.82
N ILE A 518 12.67 -5.71 -5.89
CA ILE A 518 12.54 -4.93 -7.12
C ILE A 518 13.87 -4.80 -7.91
N LEU A 519 14.97 -5.23 -7.29
CA LEU A 519 16.30 -5.12 -7.89
C LEU A 519 16.67 -6.40 -8.66
N GLN A 520 15.76 -6.79 -9.56
CA GLN A 520 15.87 -7.99 -10.43
C GLN A 520 15.22 -7.67 -11.81
N PRO A 521 15.50 -8.49 -12.89
CA PRO A 521 14.88 -8.21 -14.20
C PRO A 521 13.35 -8.21 -14.16
N PRO A 522 12.64 -7.36 -14.94
CA PRO A 522 13.14 -6.49 -16.05
C PRO A 522 13.78 -5.16 -15.67
N PHE A 523 13.60 -4.75 -14.40
CA PHE A 523 14.10 -3.50 -13.84
C PHE A 523 15.61 -3.43 -13.77
N PHE A 524 16.24 -4.43 -13.15
CA PHE A 524 17.67 -4.35 -12.90
C PHE A 524 18.40 -5.68 -12.97
N SER A 525 19.66 -5.64 -13.43
CA SER A 525 20.64 -6.73 -13.42
C SER A 525 21.98 -6.15 -13.83
N ALA A 526 23.03 -6.36 -13.00
CA ALA A 526 24.36 -5.85 -13.34
C ALA A 526 24.93 -6.48 -14.62
N GLN A 527 24.22 -7.49 -15.16
CA GLN A 527 24.50 -8.22 -16.38
C GLN A 527 23.48 -7.88 -17.52
N GLN A 528 22.57 -6.89 -17.31
CA GLN A 528 21.67 -6.53 -18.42
C GLN A 528 22.13 -5.18 -19.00
N SER A 529 21.82 -4.91 -20.28
CA SER A 529 22.22 -3.65 -20.93
C SER A 529 21.87 -2.45 -20.09
N ASN A 530 22.75 -1.45 -20.04
CA ASN A 530 22.49 -0.24 -19.28
C ASN A 530 21.24 0.49 -19.72
N SER A 531 20.84 0.38 -21.01
CA SER A 531 19.61 1.03 -21.50
C SER A 531 18.40 0.40 -20.80
N LEU A 532 18.45 -0.93 -20.57
CA LEU A 532 17.38 -1.62 -19.90
C LEU A 532 17.39 -1.22 -18.41
N ASN A 533 18.58 -1.13 -17.78
CA ASN A 533 18.67 -0.73 -16.36
C ASN A 533 18.15 0.67 -16.10
N TYR A 534 18.54 1.66 -16.95
CA TYR A 534 18.06 3.06 -16.83
C TYR A 534 16.56 3.15 -17.14
N GLY A 535 16.11 2.37 -18.11
CA GLY A 535 14.71 2.30 -18.50
C GLY A 535 13.80 1.69 -17.45
N GLY A 536 14.36 0.77 -16.65
CA GLY A 536 13.63 0.05 -15.60
C GLY A 536 13.86 0.66 -14.25
N ILE A 537 14.86 0.16 -13.50
CA ILE A 537 15.15 0.70 -12.17
C ILE A 537 15.51 2.19 -12.16
N GLY A 538 16.10 2.69 -13.24
CA GLY A 538 16.46 4.11 -13.33
C GLY A 538 15.21 4.99 -13.28
N MET A 539 14.15 4.56 -13.98
CA MET A 539 12.86 5.25 -13.94
C MET A 539 12.20 5.10 -12.54
N VAL A 540 12.25 3.91 -11.96
CA VAL A 540 11.74 3.66 -10.59
C VAL A 540 12.44 4.62 -9.60
N ILE A 541 13.77 4.75 -9.69
CA ILE A 541 14.56 5.66 -8.81
C ILE A 541 14.07 7.12 -8.98
N GLY A 542 13.92 7.58 -10.23
CA GLY A 542 13.41 8.92 -10.50
C GLY A 542 12.00 9.07 -10.01
N HIS A 543 11.18 8.02 -10.21
CA HIS A 543 9.76 8.00 -9.70
C HIS A 543 9.75 8.31 -8.19
N GLU A 544 10.54 7.56 -7.40
CA GLU A 544 10.63 7.69 -5.94
C GLU A 544 11.21 9.02 -5.51
N ILE A 545 12.25 9.50 -6.19
CA ILE A 545 12.83 10.80 -5.86
C ILE A 545 11.79 11.91 -6.09
N THR A 546 11.12 11.88 -7.30
CA THR A 546 10.12 12.88 -7.73
C THR A 546 8.99 12.96 -6.76
N HIS A 547 8.73 11.83 -6.02
CA HIS A 547 7.69 11.78 -4.97
C HIS A 547 7.98 12.80 -3.86
N GLY A 548 9.25 13.13 -3.65
CA GLY A 548 9.62 14.16 -2.66
C GLY A 548 9.27 15.57 -3.11
N PHE A 549 8.82 15.69 -4.38
CA PHE A 549 8.53 16.96 -4.99
C PHE A 549 7.18 16.95 -5.73
N ASP A 550 6.23 16.09 -5.30
CA ASP A 550 4.91 16.05 -5.93
C ASP A 550 3.91 16.88 -5.13
N ASP A 551 2.63 16.93 -5.55
CA ASP A 551 1.62 17.72 -4.84
C ASP A 551 1.56 17.45 -3.33
N ASN A 552 2.00 16.26 -2.87
CA ASN A 552 2.00 15.95 -1.44
C ASN A 552 3.39 16.18 -0.82
N GLY A 553 4.42 15.55 -1.39
CA GLY A 553 5.80 15.60 -0.92
C GLY A 553 6.50 16.96 -0.89
N ARG A 554 6.15 17.87 -1.84
CA ARG A 554 6.76 19.21 -1.91
C ARG A 554 6.46 20.03 -0.66
N ASN A 555 5.48 19.59 0.16
CA ASN A 555 5.06 20.22 1.40
C ASN A 555 5.96 19.89 2.60
N PHE A 556 6.96 18.99 2.41
CA PHE A 556 7.89 18.56 3.45
C PHE A 556 9.28 19.00 3.09
N ASN A 557 10.01 19.53 4.09
CA ASN A 557 11.37 20.02 3.80
C ASN A 557 12.40 18.88 3.82
N LYS A 558 13.70 19.22 3.82
CA LYS A 558 14.84 18.29 3.79
C LYS A 558 14.90 17.32 4.98
N ASP A 559 14.33 17.72 6.12
CA ASP A 559 14.30 16.98 7.38
C ASP A 559 12.99 16.24 7.58
N GLY A 560 12.13 16.23 6.57
CA GLY A 560 10.84 15.57 6.65
C GLY A 560 9.79 16.32 7.44
N ASP A 561 10.02 17.64 7.70
CA ASP A 561 9.02 18.44 8.43
C ASP A 561 8.07 19.08 7.44
N LEU A 562 6.82 19.12 7.81
CA LEU A 562 5.75 19.70 7.02
C LEU A 562 5.86 21.22 7.20
N VAL A 563 6.75 21.88 6.40
CA VAL A 563 6.98 23.32 6.44
C VAL A 563 6.97 23.86 5.01
N ASP A 564 6.41 25.06 4.82
CA ASP A 564 6.37 25.66 3.48
C ASP A 564 7.74 26.20 3.10
N TRP A 565 8.39 25.59 2.09
CA TRP A 565 9.68 26.07 1.58
C TRP A 565 9.55 26.70 0.18
N TRP A 566 8.31 26.87 -0.28
CA TRP A 566 8.05 27.45 -1.58
C TRP A 566 7.65 28.92 -1.49
N THR A 567 8.13 29.71 -2.46
CA THR A 567 7.69 31.10 -2.54
C THR A 567 6.27 31.03 -3.08
N GLN A 568 5.45 32.05 -2.78
CA GLN A 568 4.06 32.15 -3.19
C GLN A 568 3.91 31.94 -4.71
N GLN A 569 4.89 32.42 -5.48
CA GLN A 569 4.91 32.33 -6.93
C GLN A 569 5.27 30.95 -7.46
N SER A 570 6.36 30.36 -6.96
CA SER A 570 6.85 29.03 -7.33
C SER A 570 5.80 27.94 -7.10
N ALA A 571 5.02 28.07 -6.00
CA ALA A 571 3.93 27.19 -5.57
C ALA A 571 2.69 27.35 -6.46
N SER A 572 2.42 28.60 -6.92
CA SER A 572 1.31 28.91 -7.80
C SER A 572 1.68 28.37 -9.17
N ASN A 573 2.99 28.42 -9.50
CA ASN A 573 3.47 27.88 -10.75
C ASN A 573 3.42 26.34 -10.74
N PHE A 574 3.68 25.69 -9.55
CA PHE A 574 3.66 24.22 -9.42
C PHE A 574 2.26 23.73 -9.82
N LYS A 575 1.23 24.34 -9.22
CA LYS A 575 -0.20 24.08 -9.47
C LYS A 575 -0.59 24.30 -10.94
N GLU A 576 0.02 25.33 -11.58
CA GLU A 576 -0.19 25.73 -12.97
C GLU A 576 0.37 24.65 -13.90
N GLN A 577 1.64 24.25 -13.69
CA GLN A 577 2.31 23.20 -14.46
C GLN A 577 1.60 21.83 -14.32
N SER A 578 1.13 21.53 -13.10
CA SER A 578 0.44 20.30 -12.72
C SER A 578 -0.91 20.18 -13.41
N GLN A 579 -1.65 21.31 -13.50
CA GLN A 579 -2.97 21.39 -14.13
C GLN A 579 -3.02 20.80 -15.53
N CYS A 580 -1.92 20.93 -16.29
CA CYS A 580 -1.78 20.34 -17.63
C CYS A 580 -1.97 18.80 -17.54
N MET A 581 -1.29 18.13 -16.58
CA MET A 581 -1.35 16.69 -16.30
C MET A 581 -2.72 16.28 -15.81
N VAL A 582 -3.38 17.13 -14.99
CA VAL A 582 -4.74 16.90 -14.50
C VAL A 582 -5.69 16.71 -15.69
N TYR A 583 -5.67 17.64 -16.68
CA TYR A 583 -6.52 17.58 -17.88
C TYR A 583 -6.08 16.50 -18.84
N GLN A 584 -4.75 16.26 -18.99
CA GLN A 584 -4.26 15.26 -19.93
C GLN A 584 -4.77 13.87 -19.51
N TYR A 585 -4.56 13.50 -18.23
CA TYR A 585 -4.98 12.19 -17.73
C TYR A 585 -6.49 12.11 -17.54
N GLY A 586 -7.08 13.19 -17.07
CA GLY A 586 -8.53 13.30 -16.88
C GLY A 586 -9.29 13.20 -18.19
N ASN A 587 -8.57 13.40 -19.32
CA ASN A 587 -9.12 13.24 -20.68
C ASN A 587 -8.92 11.81 -21.24
N PHE A 588 -8.18 10.93 -20.52
CA PHE A 588 -8.01 9.55 -20.99
C PHE A 588 -9.26 8.77 -20.68
N SER A 589 -9.69 7.97 -21.64
CA SER A 589 -10.91 7.17 -21.52
C SER A 589 -10.50 5.69 -21.37
N TRP A 590 -10.88 5.05 -20.23
CA TRP A 590 -10.50 3.66 -19.92
C TRP A 590 -11.52 2.65 -20.43
N ASP A 591 -11.17 1.95 -21.52
CA ASP A 591 -11.99 0.91 -22.17
C ASP A 591 -12.41 -0.24 -21.23
N LEU A 592 -11.54 -0.61 -20.25
CA LEU A 592 -11.90 -1.70 -19.32
C LEU A 592 -12.95 -1.24 -18.30
N ALA A 593 -13.01 0.09 -18.06
CA ALA A 593 -13.99 0.69 -17.13
C ALA A 593 -15.21 1.23 -17.89
N GLY A 594 -15.39 0.77 -19.12
CA GLY A 594 -16.51 1.17 -19.98
C GLY A 594 -16.38 2.53 -20.62
N GLY A 595 -15.15 2.99 -20.86
CA GLY A 595 -14.88 4.29 -21.48
C GLY A 595 -14.90 5.45 -20.50
N GLN A 596 -15.23 5.18 -19.22
CA GLN A 596 -15.17 6.11 -18.10
C GLN A 596 -13.79 6.78 -18.07
N HIS A 597 -13.76 8.06 -17.75
CA HIS A 597 -12.54 8.87 -17.72
C HIS A 597 -11.80 8.71 -16.42
N LEU A 598 -10.46 8.83 -16.51
CA LEU A 598 -9.57 8.75 -15.36
C LEU A 598 -9.79 9.94 -14.46
N ASN A 599 -9.52 9.77 -13.18
CA ASN A 599 -9.56 10.89 -12.26
C ASN A 599 -8.13 11.51 -12.26
N GLY A 600 -8.00 12.66 -12.95
CA GLY A 600 -6.76 13.39 -13.14
C GLY A 600 -6.19 13.97 -11.86
N ILE A 601 -7.07 14.19 -10.84
CA ILE A 601 -6.74 14.75 -9.52
C ILE A 601 -6.23 13.65 -8.61
N ASN A 602 -6.96 12.50 -8.50
CA ASN A 602 -6.54 11.41 -7.60
C ASN A 602 -5.21 10.81 -7.98
N THR A 603 -4.94 10.76 -9.29
CA THR A 603 -3.70 10.21 -9.86
C THR A 603 -2.56 11.23 -10.11
N LEU A 604 -2.75 12.53 -9.84
CA LEU A 604 -1.74 13.57 -10.12
C LEU A 604 -0.34 13.27 -9.55
N GLY A 605 -0.26 12.98 -8.25
CA GLY A 605 1.01 12.65 -7.58
C GLY A 605 1.80 11.59 -8.29
N GLU A 606 1.15 10.48 -8.66
CA GLU A 606 1.78 9.36 -9.37
C GLU A 606 2.18 9.72 -10.79
N ASN A 607 1.31 10.46 -11.49
CA ASN A 607 1.59 10.96 -12.86
C ASN A 607 2.78 11.92 -12.88
N ILE A 608 2.91 12.83 -11.88
CA ILE A 608 4.07 13.74 -11.77
C ILE A 608 5.33 12.85 -11.59
N ALA A 609 5.27 11.89 -10.65
CA ALA A 609 6.37 10.98 -10.36
C ALA A 609 6.80 10.15 -11.57
N ASP A 610 5.82 9.61 -12.33
CA ASP A 610 6.07 8.84 -13.55
C ASP A 610 6.75 9.73 -14.61
N ASN A 611 6.15 10.89 -14.94
CA ASN A 611 6.66 11.86 -15.93
C ASN A 611 8.05 12.41 -15.55
N GLY A 612 8.21 12.77 -14.27
CA GLY A 612 9.48 13.25 -13.72
C GLY A 612 10.53 12.17 -13.76
N GLY A 613 10.14 10.97 -13.32
CA GLY A 613 11.02 9.81 -13.28
C GLY A 613 11.54 9.35 -14.62
N LEU A 614 10.65 9.23 -15.63
CA LEU A 614 11.16 8.78 -16.94
C LEU A 614 12.18 9.78 -17.53
N GLY A 615 11.88 11.08 -17.38
CA GLY A 615 12.71 12.20 -17.84
C GLY A 615 14.10 12.14 -17.23
N GLN A 616 14.16 12.08 -15.88
CA GLN A 616 15.44 11.99 -15.14
C GLN A 616 16.27 10.76 -15.52
N ALA A 617 15.59 9.60 -15.72
CA ALA A 617 16.21 8.34 -16.11
C ALA A 617 16.88 8.39 -17.50
N TYR A 618 16.19 8.96 -18.51
CA TYR A 618 16.75 9.08 -19.86
C TYR A 618 17.96 9.99 -19.89
N ARG A 619 17.90 11.15 -19.21
CA ARG A 619 19.01 12.10 -19.16
C ARG A 619 20.28 11.46 -18.60
N ALA A 620 20.13 10.70 -17.48
CA ALA A 620 21.18 9.95 -16.83
C ALA A 620 21.68 8.93 -17.83
N TYR A 621 20.77 8.32 -18.63
CA TYR A 621 21.21 7.35 -19.62
C TYR A 621 22.08 8.02 -20.68
N GLN A 622 21.65 9.21 -21.18
CA GLN A 622 22.39 10.00 -22.18
C GLN A 622 23.78 10.33 -21.61
N ASN A 623 23.82 10.84 -20.36
CA ASN A 623 25.07 11.14 -19.64
C ASN A 623 25.99 9.93 -19.58
N TYR A 624 25.44 8.70 -19.36
CA TYR A 624 26.22 7.46 -19.35
C TYR A 624 26.88 7.22 -20.71
N ILE A 625 26.14 7.45 -21.83
CA ILE A 625 26.65 7.32 -23.19
C ILE A 625 27.79 8.32 -23.44
N LYS A 626 27.61 9.62 -23.05
CA LYS A 626 28.63 10.65 -23.20
C LYS A 626 29.97 10.19 -22.62
N LYS A 627 29.94 9.61 -21.41
CA LYS A 627 31.12 9.14 -20.68
C LYS A 627 31.67 7.80 -21.18
N ASN A 628 30.82 6.90 -21.72
CA ASN A 628 31.25 5.55 -22.05
C ASN A 628 31.03 5.05 -23.48
N GLY A 629 30.20 5.75 -24.23
CA GLY A 629 29.90 5.38 -25.61
C GLY A 629 28.76 4.40 -25.72
N GLU A 630 28.35 4.12 -26.97
CA GLU A 630 27.27 3.21 -27.37
C GLU A 630 27.56 1.76 -26.97
N GLU A 631 26.55 1.07 -26.39
CA GLU A 631 26.68 -0.32 -25.99
C GLU A 631 26.41 -1.15 -27.22
N LYS A 632 26.87 -2.41 -27.20
CA LYS A 632 26.65 -3.33 -28.30
C LYS A 632 25.16 -3.61 -28.38
N LEU A 633 24.64 -3.72 -29.60
CA LEU A 633 23.24 -3.97 -29.89
C LEU A 633 22.80 -5.36 -29.49
N LEU A 634 21.50 -5.51 -29.24
CA LEU A 634 20.89 -6.77 -28.85
C LEU A 634 20.52 -7.56 -30.10
N PRO A 635 20.80 -8.87 -30.12
CA PRO A 635 20.49 -9.66 -31.32
C PRO A 635 18.99 -9.90 -31.48
N GLY A 636 18.56 -10.09 -32.72
CA GLY A 636 17.15 -10.38 -33.06
C GLY A 636 16.17 -9.23 -32.89
N LEU A 637 16.67 -8.05 -32.52
CA LEU A 637 15.88 -6.86 -32.33
C LEU A 637 16.44 -5.78 -33.23
N ASP A 638 15.59 -5.21 -34.09
CA ASP A 638 16.03 -4.16 -35.03
C ASP A 638 15.84 -2.81 -34.37
N LEU A 639 16.40 -2.66 -33.17
CA LEU A 639 16.31 -1.44 -32.38
C LEU A 639 17.65 -1.07 -31.81
N ASN A 640 17.84 0.24 -31.65
CA ASN A 640 19.02 0.80 -31.04
C ASN A 640 18.72 0.93 -29.55
N HIS A 641 19.72 1.30 -28.75
CA HIS A 641 19.58 1.42 -27.31
C HIS A 641 18.69 2.53 -26.84
N LYS A 642 18.61 3.64 -27.62
CA LYS A 642 17.71 4.74 -27.29
C LYS A 642 16.26 4.21 -27.28
N GLN A 643 15.91 3.41 -28.29
CA GLN A 643 14.59 2.79 -28.43
C GLN A 643 14.37 1.67 -27.37
N LEU A 644 15.41 0.82 -27.12
CA LEU A 644 15.35 -0.27 -26.12
C LEU A 644 15.10 0.26 -24.70
N PHE A 645 15.57 1.48 -24.41
CA PHE A 645 15.33 2.16 -23.13
C PHE A 645 13.81 2.33 -22.92
N PHE A 646 13.11 2.84 -23.97
CA PHE A 646 11.67 3.08 -23.89
C PHE A 646 10.86 1.83 -23.92
N LEU A 647 11.33 0.84 -24.66
CA LEU A 647 10.62 -0.43 -24.76
C LEU A 647 10.65 -1.14 -23.39
N ASN A 648 11.81 -1.13 -22.70
CA ASN A 648 11.95 -1.76 -21.38
C ASN A 648 11.16 -0.96 -20.35
N PHE A 649 11.20 0.37 -20.41
CA PHE A 649 10.37 1.20 -19.55
C PHE A 649 8.89 0.77 -19.67
N ALA A 650 8.38 0.58 -20.91
CA ALA A 650 6.98 0.21 -21.11
C ALA A 650 6.71 -1.22 -20.67
N GLN A 651 7.67 -2.11 -20.91
CA GLN A 651 7.51 -3.50 -20.51
C GLN A 651 7.52 -3.75 -19.00
N VAL A 652 8.07 -2.83 -18.20
CA VAL A 652 7.94 -3.04 -16.75
C VAL A 652 6.48 -2.84 -16.34
N TRP A 653 5.73 -2.11 -17.20
CA TRP A 653 4.32 -1.80 -16.98
C TRP A 653 3.34 -2.72 -17.66
N CYS A 654 3.79 -3.80 -18.34
CA CYS A 654 2.84 -4.69 -19.01
C CYS A 654 1.87 -5.27 -17.96
N GLY A 655 0.59 -5.10 -18.22
CA GLY A 655 -0.45 -5.58 -17.31
C GLY A 655 -1.83 -5.37 -17.83
N THR A 656 -2.80 -6.01 -17.19
CA THR A 656 -4.21 -5.95 -17.54
C THR A 656 -5.08 -6.01 -16.31
N TYR A 657 -6.41 -5.78 -16.49
CA TYR A 657 -7.37 -5.71 -15.38
C TYR A 657 -8.69 -6.35 -15.75
N ARG A 658 -9.50 -6.77 -14.74
CA ARG A 658 -10.82 -7.31 -15.00
C ARG A 658 -11.77 -6.10 -15.18
N PRO A 659 -12.74 -6.16 -16.13
CA PRO A 659 -13.64 -5.01 -16.30
C PRO A 659 -14.33 -4.60 -15.01
N GLU A 660 -14.69 -5.59 -14.16
CA GLU A 660 -15.34 -5.38 -12.88
C GLU A 660 -14.42 -4.69 -11.85
N TYR A 661 -13.08 -4.84 -12.01
CA TYR A 661 -12.08 -4.19 -11.14
C TYR A 661 -11.97 -2.74 -11.58
N ALA A 662 -11.77 -2.53 -12.90
CA ALA A 662 -11.62 -1.24 -13.54
C ALA A 662 -12.78 -0.29 -13.26
N VAL A 663 -14.05 -0.74 -13.39
CA VAL A 663 -15.21 0.15 -13.17
C VAL A 663 -15.21 0.76 -11.79
N ASN A 664 -14.59 0.08 -10.82
CA ASN A 664 -14.55 0.60 -9.47
C ASN A 664 -13.25 1.29 -9.17
N SER A 665 -12.11 0.66 -9.51
CA SER A 665 -10.77 1.18 -9.26
C SER A 665 -10.51 2.56 -9.86
N ILE A 666 -11.14 2.88 -11.00
CA ILE A 666 -11.01 4.19 -11.69
C ILE A 666 -11.32 5.40 -10.76
N LYS A 667 -12.29 5.25 -9.84
CA LYS A 667 -12.71 6.30 -8.92
C LYS A 667 -11.77 6.51 -7.72
N THR A 668 -11.03 5.50 -7.30
CA THR A 668 -10.20 5.63 -6.09
C THR A 668 -8.70 5.38 -6.24
N ASP A 669 -8.28 4.62 -7.28
CA ASP A 669 -6.87 4.31 -7.49
C ASP A 669 -6.04 5.59 -7.67
N VAL A 670 -4.83 5.63 -7.07
CA VAL A 670 -3.98 6.83 -7.10
C VAL A 670 -2.97 6.73 -8.21
N HIS A 671 -2.72 5.51 -8.70
CA HIS A 671 -1.86 5.26 -9.84
C HIS A 671 -2.75 5.17 -11.09
N SER A 672 -2.30 5.70 -12.22
CA SER A 672 -3.08 5.57 -13.46
C SER A 672 -3.06 4.11 -13.92
N PRO A 673 -4.01 3.63 -14.75
CA PRO A 673 -3.88 2.28 -15.30
C PRO A 673 -2.57 2.21 -16.08
N LYS A 674 -1.98 1.01 -16.09
CA LYS A 674 -0.67 0.76 -16.74
C LYS A 674 -0.55 1.27 -18.16
N ASN A 675 -1.58 1.06 -19.02
CA ASN A 675 -1.49 1.58 -20.40
C ASN A 675 -1.31 3.11 -20.44
N PHE A 676 -2.01 3.82 -19.54
CA PHE A 676 -1.95 5.27 -19.40
C PHE A 676 -0.70 5.80 -18.68
N ARG A 677 -0.05 4.95 -17.84
CA ARG A 677 1.18 5.34 -17.19
C ARG A 677 2.22 5.37 -18.33
N ILE A 678 2.12 4.43 -19.29
CA ILE A 678 2.98 4.35 -20.47
C ILE A 678 2.62 5.45 -21.46
N ILE A 679 1.33 5.52 -21.88
CA ILE A 679 0.84 6.51 -22.86
C ILE A 679 1.05 7.94 -22.41
N GLY A 680 0.56 8.26 -21.23
CA GLY A 680 0.65 9.60 -20.66
C GLY A 680 2.06 10.16 -20.59
N THR A 681 2.99 9.34 -20.12
CA THR A 681 4.43 9.68 -19.95
C THR A 681 5.18 9.89 -21.31
N LEU A 682 4.96 9.00 -22.26
CA LEU A 682 5.61 9.08 -23.55
C LEU A 682 5.00 10.17 -24.47
N GLN A 683 3.74 10.55 -24.25
CA GLN A 683 3.09 11.68 -24.97
C GLN A 683 3.77 12.99 -24.59
N ASN A 684 4.28 13.07 -23.34
CA ASN A 684 4.99 14.22 -22.79
C ASN A 684 6.50 14.13 -23.05
N SER A 685 6.98 13.06 -23.72
CA SER A 685 8.41 12.88 -23.99
C SER A 685 8.78 13.17 -25.46
N ALA A 686 9.49 14.29 -25.72
CA ALA A 686 9.95 14.65 -27.05
C ALA A 686 11.04 13.66 -27.46
N GLU A 687 11.83 13.18 -26.48
CA GLU A 687 12.92 12.19 -26.68
C GLU A 687 12.34 10.85 -27.13
N PHE A 688 11.11 10.50 -26.69
CA PHE A 688 10.47 9.26 -27.11
C PHE A 688 10.14 9.34 -28.62
N SER A 689 9.51 10.45 -29.02
CA SER A 689 9.14 10.74 -30.40
C SER A 689 10.34 10.87 -31.33
N GLU A 690 11.50 11.34 -30.79
CA GLU A 690 12.76 11.42 -31.55
C GLU A 690 13.28 10.03 -31.80
N ALA A 691 13.38 9.20 -30.74
CA ALA A 691 13.88 7.81 -30.82
C ALA A 691 13.03 6.98 -31.76
N PHE A 692 11.70 7.18 -31.75
CA PHE A 692 10.79 6.43 -32.62
C PHE A 692 10.39 7.12 -33.97
N HIS A 693 10.90 8.34 -34.23
CA HIS A 693 10.64 9.14 -35.45
C HIS A 693 9.15 9.30 -35.64
N CYS A 694 8.47 9.78 -34.58
CA CYS A 694 7.03 9.98 -34.58
C CYS A 694 6.70 11.26 -35.27
N ARG A 695 5.73 11.21 -36.18
CA ARG A 695 5.30 12.38 -36.91
C ARG A 695 4.50 13.23 -35.97
N LYS A 696 4.62 14.56 -36.10
CA LYS A 696 3.90 15.52 -35.27
C LYS A 696 2.41 15.19 -35.30
N ASN A 697 1.78 15.24 -34.13
CA ASN A 697 0.36 14.96 -33.90
C ASN A 697 -0.10 13.52 -34.10
N SER A 698 0.87 12.58 -34.21
CA SER A 698 0.55 11.14 -34.21
C SER A 698 0.08 10.90 -32.78
N TYR A 699 -0.73 9.87 -32.50
CA TYR A 699 -1.28 9.64 -31.17
C TYR A 699 -0.27 9.81 -30.03
N MET A 700 0.86 9.12 -30.13
CA MET A 700 1.97 9.14 -29.15
C MET A 700 2.77 10.46 -29.08
N ASN A 701 2.61 11.34 -30.08
CA ASN A 701 3.37 12.59 -30.14
C ASN A 701 2.47 13.86 -30.23
N PRO A 702 1.64 14.18 -29.21
CA PRO A 702 0.83 15.40 -29.32
C PRO A 702 1.73 16.64 -29.30
N GLU A 703 1.26 17.76 -29.90
CA GLU A 703 2.01 19.00 -29.98
C GLU A 703 2.27 19.56 -28.59
N LYS A 704 1.23 19.60 -27.73
CA LYS A 704 1.31 20.08 -26.36
C LYS A 704 1.83 18.97 -25.45
N LYS A 705 2.83 19.30 -24.62
CA LYS A 705 3.49 18.38 -23.71
C LYS A 705 3.57 18.99 -22.32
N CYS A 706 3.00 18.29 -21.32
CA CYS A 706 2.97 18.69 -19.92
C CYS A 706 4.33 18.45 -19.34
N ARG A 707 4.73 19.29 -18.37
CA ARG A 707 6.02 19.10 -17.71
C ARG A 707 6.00 19.78 -16.35
N VAL A 708 6.43 19.04 -15.32
CA VAL A 708 6.59 19.57 -13.97
C VAL A 708 8.11 19.41 -13.71
N TRP A 709 8.59 18.17 -13.44
CA TRP A 709 10.02 17.89 -13.24
C TRP A 709 10.65 17.33 -14.50
C1 NAG B . -0.89 -31.23 11.63
C2 NAG B . 0.54 -31.83 11.72
C3 NAG B . 0.48 -33.14 12.58
C4 NAG B . -0.25 -32.95 13.95
C5 NAG B . -1.57 -32.11 13.81
C6 NAG B . -2.17 -31.64 15.16
C7 NAG B . 2.35 -31.50 9.98
C8 NAG B . 2.78 -31.84 8.57
N2 NAG B . 1.14 -32.04 10.39
O3 NAG B . 1.82 -33.61 12.80
O4 NAG B . -0.59 -34.24 14.50
O5 NAG B . -1.39 -30.97 12.96
O6 NAG B . -1.18 -31.37 16.19
O7 NAG B . 3.04 -30.79 10.71
C1 NAG C . -12.09 4.94 32.37
C2 NAG C . -11.31 4.27 33.54
C3 NAG C . -12.19 3.13 34.15
C4 NAG C . -13.66 3.47 34.45
C5 NAG C . -14.28 4.05 33.14
C6 NAG C . -15.82 4.36 33.18
C7 NAG C . -8.82 4.27 32.85
C8 NAG C . -7.75 3.31 32.43
N2 NAG C . -10.02 3.66 33.10
O3 NAG C . -11.54 2.37 35.21
O4 NAG C . -14.34 2.23 34.77
O5 NAG C . -13.49 5.20 32.68
O6 NAG C . -16.63 3.18 33.04
O7 NAG C . -8.64 5.48 32.96
C1 NAG D . -9.71 17.69 -20.99
C2 NAG D . -10.30 18.11 -19.60
C3 NAG D . -10.76 19.61 -19.59
C4 NAG D . -9.62 20.53 -20.10
C5 NAG D . -9.20 20.11 -21.51
C6 NAG D . -7.97 20.89 -21.90
C7 NAG D . -11.42 16.37 -18.12
C8 NAG D . -12.65 15.50 -18.04
N2 NAG D . -11.36 17.17 -19.26
O3 NAG D . -11.19 20.08 -18.26
O4 NAG D . -9.93 21.94 -20.10
O5 NAG D . -8.88 18.68 -21.68
O6 NAG D . -7.78 20.66 -23.26
O7 NAG D . -10.53 16.40 -17.25
ZN ZN E . 4.46 6.46 -6.81
C1 GOL F . 2.87 8.02 -2.13
O1 GOL F . 2.19 8.52 -0.92
C2 GOL F . 4.40 7.91 -2.02
O2 GOL F . 4.92 8.72 -0.96
C3 GOL F . 4.85 6.46 -1.76
O3 GOL F . 6.18 6.21 -2.21
C1 GOL G . -10.01 16.55 -13.96
O1 GOL G . -9.21 16.39 -15.16
C2 GOL G . -10.62 15.20 -13.48
O2 GOL G . -9.92 14.11 -14.05
C3 GOL G . -10.66 15.04 -11.96
O3 GOL G . -12.03 14.78 -11.60
C1 GOL H . 17.34 -3.83 10.47
O1 GOL H . 18.13 -4.36 11.52
C2 GOL H . 16.61 -2.57 10.91
O2 GOL H . 15.83 -2.96 12.04
C3 GOL H . 15.75 -2.05 9.76
O3 GOL H . 14.33 -2.02 10.02
C1 GOL I . -3.98 -18.72 5.52
O1 GOL I . -3.38 -17.42 5.41
C2 GOL I . -4.38 -18.91 6.97
O2 GOL I . -5.41 -17.99 7.23
C3 GOL I . -4.79 -20.33 7.42
O3 GOL I . -4.05 -21.36 6.77
C1 GOL J . 5.08 6.86 -37.88
O1 GOL J . 6.38 7.46 -38.08
C2 GOL J . 3.87 7.84 -37.77
O2 GOL J . 4.14 8.92 -36.87
C3 GOL J . 2.63 7.03 -37.32
O3 GOL J . 2.36 5.91 -38.23
C1 GOL K . -19.30 -25.19 12.05
O1 GOL K . -18.03 -24.83 12.60
C2 GOL K . -20.37 -24.77 13.04
O2 GOL K . -20.40 -23.37 13.07
C3 GOL K . -21.75 -25.38 12.72
O3 GOL K . -22.53 -24.55 11.82
C1 GOL L . -11.87 -6.95 28.66
O1 GOL L . -11.27 -6.38 29.85
C2 GOL L . -13.43 -6.98 28.75
O2 GOL L . -14.06 -7.48 27.55
C3 GOL L . -13.92 -7.73 29.99
O3 GOL L . -14.21 -9.11 29.69
C1 GOL M . 24.42 11.40 1.74
O1 GOL M . 24.40 11.60 0.31
C2 GOL M . 23.11 10.77 2.27
O2 GOL M . 22.60 9.77 1.37
C3 GOL M . 22.02 11.81 2.54
O3 GOL M . 21.79 11.89 3.95
C1 RDF N . 3.17 2.81 -3.84
O1 RDF N . 4.30 3.66 -3.73
C2 RDF N . 3.13 2.00 -2.54
O2 RDF N . 2.02 1.13 -2.66
C3 RDF N . 2.87 2.93 -1.35
O3 RDF N . 2.56 2.18 -0.21
C4 RDF N . 1.65 3.77 -1.58
O4 RDF N . 1.67 4.72 -0.54
C5 RDF N . 1.77 4.53 -2.90
O5 RDF N . 1.97 3.59 -3.96
C6 RDF N . 0.48 5.29 -3.16
P RDF N . 5.12 4.07 -5.03
O1P RDF N . 6.19 5.04 -4.59
O2P RDF N . 3.95 4.78 -5.92
N RDF N . 5.64 2.70 -5.80
CA RDF N . 5.73 2.60 -7.26
C RDF N . 4.42 2.15 -7.86
O RDF N . 4.05 2.66 -8.91
CB RDF N . 6.85 1.66 -7.62
CG RDF N . 7.06 1.48 -9.11
CD1 RDF N . 7.75 2.67 -9.77
CD2 RDF N . 7.84 0.21 -9.32
N1 RDF N . 3.76 1.14 -7.20
CA1 RDF N . 2.51 0.63 -7.74
C7 RDF N . 1.65 0.11 -6.61
O6 RDF N . 0.47 -0.17 -6.74
CB1 RDF N . 2.68 -0.49 -8.77
CG1 RDF N . 3.69 -1.54 -8.50
CD11 RDF N . 4.09 -2.00 -7.26
CD21 RDF N . 4.43 -2.29 -9.46
NE1 RDF N . 5.03 -2.96 -7.44
CE2 RDF N . 5.28 -3.16 -8.77
CE3 RDF N . 4.44 -2.35 -10.86
CZ2 RDF N . 6.15 -4.06 -9.37
CZ3 RDF N . 5.30 -3.22 -11.48
CH2 RDF N . 6.13 -4.04 -10.75
OXT RDF N . 2.30 -0.03 -5.43
#